data_7ATD
#
_entry.id   7ATD
#
_cell.length_a   47.846
_cell.length_b   80.243
_cell.length_c   145.146
_cell.angle_alpha   90.000
_cell.angle_beta   90.000
_cell.angle_gamma   90.000
#
_symmetry.space_group_name_H-M   'P 21 21 21'
#
loop_
_entity.id
_entity.type
_entity.pdbx_description
1 polymer 'EstD11 S144A'
2 non-polymer 'FORMIC ACID'
3 non-polymer 'ACETATE ION'
4 non-polymer 'Naproxen Methyl Ester'
5 water water
#
_entity_poly.entity_id   1
_entity_poly.type   'polypeptide(L)'
_entity_poly.pdbx_seq_one_letter_code
;MASEALTMIVNLLRSQRPLQEPTVEQMRAGLEAMAQMSPLPADVELTTVDAGGVPGAWVRVPESDPDRVVLYLHGGGYVI
GSIRTHRDLAQRIARAARCRVLLIDYRLAPEHPHPAAVEDSTRAYRWLLETGSDPKRMAIAGDAAGGGLTVATLVALRDA
GVPLPAAAVCLSPWVDLEGIGESMTTKAAVDPMVQREPLLRMASMYLAGQDPRTPLAAPLYADLRGLPPLLIQVGTAETL
LDDSVRLAERARAAGVQVTLEPWEDMIHVWQAFAAMLPEGQQAIERIGEFLRQHWQ
;
_entity_poly.pdbx_strand_id   A,B
#
loop_
_chem_comp.id
_chem_comp.type
_chem_comp.name
_chem_comp.formula
ACT non-polymer 'ACETATE ION' 'C2 H3 O2 -1'
FMT non-polymer 'FORMIC ACID' 'C H2 O2'
RXH non-polymer 'Naproxen Methyl Ester' 'C15 H16 O3'
#
# COMPACT_ATOMS: atom_id res chain seq x y z
N ALA A 2 -26.77 26.77 -9.32
CA ALA A 2 -25.38 26.30 -9.14
C ALA A 2 -24.58 26.57 -10.43
N SER A 3 -23.26 26.50 -10.36
CA SER A 3 -22.35 26.64 -11.51
C SER A 3 -22.76 25.64 -12.59
N GLU A 4 -22.41 25.92 -13.84
CA GLU A 4 -22.56 24.97 -14.97
C GLU A 4 -21.84 23.66 -14.66
N ALA A 5 -20.68 23.77 -14.02
CA ALA A 5 -19.81 22.64 -13.70
C ALA A 5 -20.61 21.61 -12.90
N LEU A 6 -21.62 21.99 -12.12
CA LEU A 6 -22.38 20.97 -11.33
C LEU A 6 -23.01 19.93 -12.25
N THR A 7 -23.62 20.34 -13.36
CA THR A 7 -24.30 19.38 -14.29
C THR A 7 -23.26 18.39 -14.81
N MET A 8 -22.07 18.86 -15.11
CA MET A 8 -20.98 18.01 -15.64
C MET A 8 -20.58 16.96 -14.59
N ILE A 9 -20.47 17.38 -13.34
CA ILE A 9 -20.07 16.43 -12.24
C ILE A 9 -21.20 15.42 -12.04
N VAL A 10 -22.45 15.88 -12.01
CA VAL A 10 -23.62 14.97 -11.89
C VAL A 10 -23.61 13.96 -13.03
N ASN A 11 -23.39 14.39 -14.26
CA ASN A 11 -23.38 13.46 -15.42
C ASN A 11 -22.25 12.44 -15.25
N LEU A 12 -21.07 12.85 -14.82
CA LEU A 12 -19.94 11.91 -14.60
C LEU A 12 -20.37 10.86 -13.57
N LEU A 13 -20.93 11.30 -12.45
CA LEU A 13 -21.25 10.38 -11.32
C LEU A 13 -22.38 9.43 -11.71
N ARG A 14 -23.39 9.90 -12.44
CA ARG A 14 -24.53 9.06 -12.86
C ARG A 14 -24.05 7.92 -13.76
N SER A 15 -22.97 8.13 -14.52
N SER A 15 -22.97 8.15 -14.51
CA SER A 15 -22.42 7.10 -15.43
CA SER A 15 -22.41 7.15 -15.44
C SER A 15 -21.41 6.23 -14.70
C SER A 15 -21.42 6.25 -14.71
N GLN A 16 -20.52 6.81 -13.89
CA GLN A 16 -19.43 6.05 -13.25
C GLN A 16 -20.02 5.20 -12.12
N ARG A 17 -20.92 5.76 -11.32
CA ARG A 17 -21.62 5.00 -10.25
C ARG A 17 -20.56 4.27 -9.42
N PRO A 18 -19.63 5.00 -8.82
CA PRO A 18 -18.47 4.35 -8.19
C PRO A 18 -18.85 3.42 -7.02
N LEU A 19 -19.99 3.63 -6.35
CA LEU A 19 -20.42 2.74 -5.22
C LEU A 19 -21.20 1.53 -5.74
N GLN A 20 -21.39 1.37 -7.05
CA GLN A 20 -22.23 0.27 -7.60
C GLN A 20 -21.39 -0.77 -8.35
N GLU A 21 -20.07 -0.76 -8.22
CA GLU A 21 -19.22 -1.78 -8.91
C GLU A 21 -19.45 -3.15 -8.28
N PRO A 22 -19.32 -4.23 -9.07
CA PRO A 22 -19.70 -5.56 -8.60
C PRO A 22 -18.78 -6.16 -7.53
N THR A 23 -17.53 -5.72 -7.42
CA THR A 23 -16.61 -6.21 -6.36
C THR A 23 -15.99 -5.03 -5.63
N VAL A 24 -15.56 -5.28 -4.41
CA VAL A 24 -14.87 -4.23 -3.62
C VAL A 24 -13.62 -3.75 -4.38
N GLU A 25 -12.84 -4.67 -4.96
CA GLU A 25 -11.62 -4.24 -5.67
C GLU A 25 -11.97 -3.38 -6.89
N GLN A 26 -13.07 -3.68 -7.59
CA GLN A 26 -13.52 -2.80 -8.71
C GLN A 26 -13.96 -1.44 -8.18
N MET A 27 -14.61 -1.38 -7.01
CA MET A 27 -14.98 -0.08 -6.42
C MET A 27 -13.72 0.71 -6.07
N ARG A 28 -12.74 0.06 -5.46
CA ARG A 28 -11.48 0.72 -5.06
C ARG A 28 -10.79 1.29 -6.31
N ALA A 29 -10.63 0.44 -7.33
CA ALA A 29 -9.93 0.82 -8.58
C ALA A 29 -10.73 1.93 -9.30
N GLY A 30 -12.06 1.87 -9.29
CA GLY A 30 -12.91 2.88 -9.94
C GLY A 30 -12.72 4.25 -9.32
N LEU A 31 -12.63 4.31 -8.00
CA LEU A 31 -12.43 5.63 -7.34
C LEU A 31 -11.02 6.14 -7.63
N GLU A 32 -10.01 5.27 -7.63
N GLU A 32 -10.01 5.27 -7.63
CA GLU A 32 -8.60 5.67 -7.91
CA GLU A 32 -8.60 5.69 -7.92
C GLU A 32 -8.54 6.23 -9.33
C GLU A 32 -8.54 6.24 -9.35
N ALA A 33 -9.24 5.59 -10.28
CA ALA A 33 -9.29 6.05 -11.69
C ALA A 33 -9.89 7.45 -11.76
N MET A 34 -10.99 7.68 -11.06
CA MET A 34 -11.68 9.00 -11.04
C MET A 34 -10.75 10.05 -10.41
N ALA A 35 -10.09 9.75 -9.30
CA ALA A 35 -9.22 10.71 -8.58
C ALA A 35 -8.05 11.16 -9.47
N GLN A 36 -7.44 10.27 -10.26
CA GLN A 36 -6.29 10.60 -11.15
C GLN A 36 -6.67 11.66 -12.21
N MET A 37 -7.95 11.98 -12.37
CA MET A 37 -8.42 13.04 -13.31
C MET A 37 -8.12 14.44 -12.76
N SER A 38 -7.99 14.60 -11.44
CA SER A 38 -7.61 15.86 -10.75
C SER A 38 -6.18 15.73 -10.24
N PRO A 39 -5.16 15.95 -11.09
CA PRO A 39 -3.77 15.59 -10.76
C PRO A 39 -3.09 16.69 -9.93
N LEU A 40 -2.15 16.30 -9.06
CA LEU A 40 -1.50 17.19 -8.05
C LEU A 40 -0.80 18.35 -8.75
N PRO A 41 -0.95 19.59 -8.25
CA PRO A 41 -0.02 20.68 -8.58
C PRO A 41 1.43 20.29 -8.26
N ALA A 42 2.39 20.82 -9.02
CA ALA A 42 3.82 20.47 -8.89
C ALA A 42 4.40 20.99 -7.56
N ASP A 43 3.77 21.99 -6.93
CA ASP A 43 4.28 22.60 -5.67
C ASP A 43 3.87 21.77 -4.44
N VAL A 44 3.10 20.70 -4.60
CA VAL A 44 2.72 19.81 -3.47
C VAL A 44 3.90 18.89 -3.15
N GLU A 45 4.30 18.83 -1.89
CA GLU A 45 5.28 17.85 -1.36
C GLU A 45 4.53 16.78 -0.57
N LEU A 46 4.70 15.52 -0.95
CA LEU A 46 4.16 14.33 -0.25
C LEU A 46 5.32 13.56 0.33
N THR A 47 5.28 13.25 1.62
CA THR A 47 6.27 12.40 2.32
C THR A 47 5.56 11.26 3.04
N THR A 48 5.80 10.02 2.62
N THR A 48 6.00 10.05 2.76
CA THR A 48 5.22 8.83 3.30
CA THR A 48 5.50 8.80 3.37
C THR A 48 5.87 8.75 4.69
C THR A 48 5.98 8.76 4.82
N VAL A 49 5.11 8.31 5.70
N VAL A 49 5.12 8.38 5.76
CA VAL A 49 5.55 8.23 7.12
CA VAL A 49 5.51 8.27 7.19
C VAL A 49 4.83 7.04 7.77
C VAL A 49 4.82 7.04 7.78
N ASP A 50 5.46 6.44 8.78
CA ASP A 50 4.81 5.47 9.69
C ASP A 50 4.30 6.31 10.87
N ALA A 51 3.01 6.62 10.88
CA ALA A 51 2.37 7.44 11.94
C ALA A 51 1.98 6.53 13.09
N GLY A 52 2.99 6.04 13.82
CA GLY A 52 2.82 5.22 15.02
C GLY A 52 2.18 3.87 14.75
N GLY A 53 2.47 3.26 13.59
CA GLY A 53 1.91 1.96 13.18
C GLY A 53 0.75 2.09 12.20
N VAL A 54 0.46 3.31 11.75
CA VAL A 54 -0.56 3.59 10.71
C VAL A 54 0.17 4.25 9.57
N PRO A 55 0.11 3.74 8.32
CA PRO A 55 0.78 4.40 7.22
C PRO A 55 0.12 5.75 6.94
N GLY A 56 0.93 6.71 6.57
CA GLY A 56 0.41 8.04 6.26
C GLY A 56 1.28 8.75 5.28
N ALA A 57 0.77 9.89 4.82
CA ALA A 57 1.53 10.84 4.00
C ALA A 57 1.37 12.22 4.60
N TRP A 58 2.48 12.88 4.86
CA TRP A 58 2.50 14.35 5.03
C TRP A 58 2.22 15.03 3.70
N VAL A 59 1.30 15.96 3.68
CA VAL A 59 0.95 16.78 2.52
C VAL A 59 1.26 18.22 2.89
N ARG A 60 2.19 18.82 2.15
CA ARG A 60 2.70 20.19 2.43
C ARG A 60 2.61 21.00 1.13
N VAL A 61 2.31 22.28 1.24
CA VAL A 61 2.31 23.23 0.10
C VAL A 61 3.16 24.43 0.52
N PRO A 62 3.56 25.31 -0.42
CA PRO A 62 4.51 26.35 -0.10
C PRO A 62 4.15 27.20 1.13
N GLU A 63 2.86 27.52 1.33
CA GLU A 63 2.49 28.41 2.47
C GLU A 63 2.04 27.59 3.69
N SER A 64 2.31 26.28 3.75
CA SER A 64 2.03 25.48 4.98
C SER A 64 2.81 26.01 6.20
N ASP A 65 2.12 26.42 7.28
CA ASP A 65 2.75 26.67 8.60
C ASP A 65 3.15 25.31 9.13
N PRO A 66 4.46 25.07 9.38
CA PRO A 66 4.94 23.73 9.71
C PRO A 66 4.45 23.24 11.08
N ASP A 67 3.91 24.13 11.92
CA ASP A 67 3.49 23.76 13.30
C ASP A 67 1.97 23.63 13.37
N ARG A 68 1.25 23.82 12.26
CA ARG A 68 -0.22 23.60 12.24
C ARG A 68 -0.49 22.33 11.43
N VAL A 69 -1.39 21.49 11.93
N VAL A 69 -1.31 21.43 11.95
CA VAL A 69 -1.62 20.16 11.36
CA VAL A 69 -1.53 20.12 11.27
C VAL A 69 -3.12 19.85 11.33
C VAL A 69 -2.99 19.71 11.36
N VAL A 70 -3.56 19.33 10.21
CA VAL A 70 -4.87 18.66 10.11
C VAL A 70 -4.61 17.18 9.93
N LEU A 71 -5.18 16.36 10.81
CA LEU A 71 -5.26 14.89 10.59
C LEU A 71 -6.48 14.67 9.69
N TYR A 72 -6.25 14.19 8.46
CA TYR A 72 -7.33 14.06 7.46
C TYR A 72 -7.72 12.58 7.32
N LEU A 73 -9.01 12.32 7.47
CA LEU A 73 -9.64 10.98 7.43
C LEU A 73 -10.50 10.87 6.18
N HIS A 74 -10.04 10.09 5.19
CA HIS A 74 -10.70 10.05 3.87
C HIS A 74 -12.03 9.28 3.95
N GLY A 75 -12.91 9.58 3.02
CA GLY A 75 -14.19 8.87 2.85
C GLY A 75 -14.07 7.66 1.94
N GLY A 76 -15.19 7.00 1.73
CA GLY A 76 -15.24 5.73 0.97
C GLY A 76 -15.95 4.63 1.72
N GLY A 77 -16.89 4.96 2.59
CA GLY A 77 -17.76 3.96 3.23
C GLY A 77 -17.04 3.03 4.19
N TYR A 78 -15.82 3.39 4.63
CA TYR A 78 -14.94 2.55 5.47
C TYR A 78 -14.41 1.38 4.66
N VAL A 79 -14.60 1.38 3.35
CA VAL A 79 -14.28 0.23 2.46
C VAL A 79 -13.34 0.64 1.34
N ILE A 80 -13.50 1.83 0.77
CA ILE A 80 -12.65 2.29 -0.38
C ILE A 80 -12.00 3.62 -0.02
N GLY A 81 -11.25 4.17 -0.97
CA GLY A 81 -10.45 5.37 -0.73
C GLY A 81 -9.06 5.02 -0.28
N SER A 82 -8.15 5.96 -0.44
CA SER A 82 -6.73 5.76 -0.15
C SER A 82 -6.02 7.11 -0.11
N ILE A 83 -4.73 7.08 0.16
CA ILE A 83 -3.86 8.27 -0.02
C ILE A 83 -3.99 8.78 -1.46
N ARG A 84 -4.07 7.91 -2.45
CA ARG A 84 -4.14 8.35 -3.87
C ARG A 84 -5.48 9.04 -4.15
N THR A 85 -6.61 8.58 -3.59
CA THR A 85 -7.92 9.17 -3.95
C THR A 85 -8.04 10.56 -3.32
N HIS A 86 -7.44 10.78 -2.14
CA HIS A 86 -7.73 12.00 -1.34
C HIS A 86 -6.53 12.93 -1.22
N ARG A 87 -5.39 12.64 -1.83
CA ARG A 87 -4.23 13.55 -1.70
C ARG A 87 -4.55 14.89 -2.33
N ASP A 88 -5.38 14.97 -3.37
CA ASP A 88 -5.71 16.29 -3.98
C ASP A 88 -6.58 17.12 -3.02
N LEU A 89 -7.61 16.53 -2.44
CA LEU A 89 -8.43 17.26 -1.46
C LEU A 89 -7.53 17.68 -0.28
N ALA A 90 -6.64 16.79 0.16
CA ALA A 90 -5.73 17.10 1.29
C ALA A 90 -4.90 18.36 0.96
N GLN A 91 -4.33 18.44 -0.25
CA GLN A 91 -3.42 19.57 -0.57
C GLN A 91 -4.25 20.85 -0.69
N ARG A 92 -5.48 20.78 -1.19
CA ARG A 92 -6.36 21.98 -1.30
C ARG A 92 -6.67 22.51 0.10
N ILE A 93 -6.91 21.64 1.07
CA ILE A 93 -7.15 22.07 2.47
C ILE A 93 -5.84 22.63 3.05
N ALA A 94 -4.69 21.99 2.82
CA ALA A 94 -3.38 22.47 3.30
C ALA A 94 -3.17 23.90 2.82
N ARG A 95 -3.55 24.16 1.58
CA ARG A 95 -3.35 25.47 0.92
C ARG A 95 -4.29 26.50 1.53
N ALA A 96 -5.55 26.14 1.75
CA ALA A 96 -6.57 27.09 2.24
C ALA A 96 -6.33 27.40 3.72
N ALA A 97 -5.96 26.40 4.52
CA ALA A 97 -5.76 26.53 5.98
C ALA A 97 -4.32 26.92 6.29
N ARG A 98 -3.44 26.96 5.30
CA ARG A 98 -1.98 27.25 5.46
C ARG A 98 -1.37 26.36 6.54
N CYS A 99 -1.53 25.04 6.39
CA CYS A 99 -1.09 24.05 7.38
C CYS A 99 -0.53 22.84 6.66
N ARG A 100 0.03 21.92 7.43
CA ARG A 100 0.42 20.58 6.95
C ARG A 100 -0.78 19.66 7.16
N VAL A 101 -0.93 18.67 6.30
CA VAL A 101 -2.02 17.67 6.46
C VAL A 101 -1.35 16.32 6.61
N LEU A 102 -1.77 15.55 7.60
CA LEU A 102 -1.37 14.13 7.73
C LEU A 102 -2.54 13.33 7.19
N LEU A 103 -2.34 12.70 6.03
CA LEU A 103 -3.39 11.90 5.37
C LEU A 103 -3.11 10.45 5.67
N ILE A 104 -3.96 9.79 6.46
CA ILE A 104 -3.63 8.42 6.92
C ILE A 104 -4.36 7.37 6.12
N ASP A 105 -3.67 6.24 5.99
CA ASP A 105 -4.21 5.01 5.36
C ASP A 105 -4.77 4.14 6.50
N TYR A 106 -5.88 4.54 7.08
CA TYR A 106 -6.51 3.73 8.16
C TYR A 106 -7.02 2.41 7.57
N ARG A 107 -7.09 1.39 8.43
CA ARG A 107 -7.49 0.04 7.99
C ARG A 107 -8.91 0.06 7.44
N LEU A 108 -9.12 -0.63 6.32
CA LEU A 108 -10.42 -0.64 5.62
C LEU A 108 -11.12 -2.00 5.78
N ALA A 109 -12.43 -1.94 5.81
CA ALA A 109 -13.33 -3.10 5.72
C ALA A 109 -13.50 -3.51 4.27
N PRO A 110 -13.93 -4.74 3.93
CA PRO A 110 -14.24 -5.81 4.88
C PRO A 110 -13.06 -6.52 5.56
N GLU A 111 -11.84 -6.29 5.08
CA GLU A 111 -10.63 -6.95 5.62
C GLU A 111 -10.50 -6.63 7.11
N HIS A 112 -10.71 -5.38 7.49
CA HIS A 112 -10.51 -4.89 8.87
C HIS A 112 -11.77 -4.16 9.33
N PRO A 113 -12.70 -4.88 9.95
CA PRO A 113 -13.94 -4.28 10.43
C PRO A 113 -13.74 -3.27 11.57
N HIS A 114 -14.79 -2.52 11.83
CA HIS A 114 -14.90 -1.68 13.03
C HIS A 114 -14.47 -2.55 14.21
N PRO A 115 -13.63 -2.07 15.17
CA PRO A 115 -13.17 -0.69 15.28
C PRO A 115 -11.79 -0.33 14.70
N ALA A 116 -11.28 -1.11 13.74
CA ALA A 116 -9.92 -0.91 13.22
C ALA A 116 -9.71 0.56 12.77
N ALA A 117 -10.65 1.15 12.04
CA ALA A 117 -10.46 2.52 11.52
C ALA A 117 -10.24 3.49 12.68
N VAL A 118 -11.01 3.35 13.76
N VAL A 118 -11.01 3.36 13.77
CA VAL A 118 -10.97 4.29 14.93
CA VAL A 118 -10.96 4.32 14.91
C VAL A 118 -9.69 4.03 15.74
C VAL A 118 -9.72 4.03 15.75
N GLU A 119 -9.29 2.77 15.85
CA GLU A 119 -8.00 2.44 16.49
C GLU A 119 -6.89 3.18 15.74
N ASP A 120 -6.93 3.18 14.41
CA ASP A 120 -5.86 3.81 13.60
C ASP A 120 -5.92 5.34 13.68
N SER A 121 -7.09 5.95 13.57
CA SER A 121 -7.19 7.43 13.64
C SER A 121 -6.73 7.94 15.01
N THR A 122 -7.13 7.27 16.09
CA THR A 122 -6.71 7.68 17.44
C THR A 122 -5.20 7.46 17.59
N ARG A 123 -4.64 6.38 17.05
CA ARG A 123 -3.18 6.14 17.14
C ARG A 123 -2.43 7.25 16.42
N ALA A 124 -2.88 7.66 15.23
CA ALA A 124 -2.20 8.69 14.43
C ALA A 124 -2.25 10.01 15.19
N TYR A 125 -3.37 10.36 15.81
CA TYR A 125 -3.46 11.64 16.58
C TYR A 125 -2.49 11.59 17.75
N ARG A 126 -2.45 10.49 18.49
CA ARG A 126 -1.54 10.36 19.65
C ARG A 126 -0.09 10.41 19.15
N TRP A 127 0.22 9.82 17.99
CA TRP A 127 1.56 9.90 17.39
C TRP A 127 1.92 11.35 17.10
N LEU A 128 0.99 12.14 16.55
CA LEU A 128 1.25 13.58 16.29
C LEU A 128 1.65 14.25 17.61
N LEU A 129 0.93 13.98 18.70
CA LEU A 129 1.26 14.58 20.03
C LEU A 129 2.65 14.12 20.45
N GLU A 130 2.93 12.82 20.32
CA GLU A 130 4.22 12.21 20.76
C GLU A 130 5.37 12.87 20.02
N THR A 131 5.16 13.28 18.77
CA THR A 131 6.24 13.79 17.89
C THR A 131 6.26 15.32 17.89
N GLY A 132 5.42 15.95 18.73
CA GLY A 132 5.59 17.37 19.14
C GLY A 132 4.54 18.31 18.60
N SER A 133 3.49 17.84 17.93
CA SER A 133 2.36 18.72 17.53
C SER A 133 1.59 19.10 18.80
N ASP A 134 1.04 20.30 18.82
N ASP A 134 1.06 20.32 18.84
CA ASP A 134 0.25 20.81 19.96
CA ASP A 134 0.27 20.81 19.99
C ASP A 134 -1.22 20.89 19.59
C ASP A 134 -1.21 20.89 19.61
N PRO A 135 -2.12 20.35 20.44
CA PRO A 135 -3.56 20.38 20.14
C PRO A 135 -4.12 21.75 19.74
N LYS A 136 -3.59 22.84 20.30
CA LYS A 136 -4.14 24.18 19.98
C LYS A 136 -3.80 24.56 18.54
N ARG A 137 -2.91 23.81 17.88
CA ARG A 137 -2.53 24.07 16.47
C ARG A 137 -2.91 22.88 15.59
N MET A 138 -3.84 22.06 16.05
N MET A 138 -3.86 22.08 16.04
CA MET A 138 -4.27 20.83 15.34
CA MET A 138 -4.29 20.86 15.31
C MET A 138 -5.78 20.91 15.02
C MET A 138 -5.79 20.92 15.02
N ALA A 139 -6.22 20.08 14.08
CA ALA A 139 -7.64 19.84 13.80
C ALA A 139 -7.75 18.44 13.23
N ILE A 140 -8.96 17.90 13.26
CA ILE A 140 -9.26 16.61 12.59
C ILE A 140 -10.32 16.93 11.55
N ALA A 141 -10.16 16.41 10.33
CA ALA A 141 -11.14 16.66 9.27
C ALA A 141 -11.35 15.38 8.46
N GLY A 142 -12.52 15.24 7.89
CA GLY A 142 -12.76 14.09 7.04
C GLY A 142 -14.04 14.21 6.26
N ASP A 143 -14.13 13.46 5.17
CA ASP A 143 -15.31 13.47 4.28
C ASP A 143 -16.08 12.16 4.41
N ALA A 144 -17.40 12.23 4.42
CA ALA A 144 -18.27 11.05 4.26
C ALA A 144 -17.98 10.05 5.40
N ALA A 145 -17.61 8.80 5.13
CA ALA A 145 -17.23 7.88 6.23
C ALA A 145 -16.16 8.52 7.12
N GLY A 146 -15.22 9.25 6.52
CA GLY A 146 -14.16 9.95 7.24
C GLY A 146 -14.70 11.07 8.12
N GLY A 147 -15.83 11.66 7.74
CA GLY A 147 -16.50 12.67 8.59
C GLY A 147 -17.13 12.03 9.81
N GLY A 148 -17.78 10.88 9.63
CA GLY A 148 -18.18 10.05 10.78
C GLY A 148 -16.99 9.63 11.62
N LEU A 149 -15.89 9.23 10.98
CA LEU A 149 -14.68 8.77 11.72
C LEU A 149 -14.10 9.96 12.49
N THR A 150 -14.19 11.17 11.97
CA THR A 150 -13.69 12.38 12.69
C THR A 150 -14.42 12.50 14.03
N VAL A 151 -15.74 12.35 14.02
CA VAL A 151 -16.52 12.49 15.27
C VAL A 151 -16.16 11.34 16.20
N ALA A 152 -16.13 10.12 15.69
CA ALA A 152 -15.80 8.94 16.53
C ALA A 152 -14.39 9.09 17.10
N THR A 153 -13.43 9.59 16.33
CA THR A 153 -12.04 9.81 16.81
C THR A 153 -12.04 10.80 17.97
N LEU A 154 -12.77 11.90 17.84
CA LEU A 154 -12.85 12.91 18.93
C LEU A 154 -13.43 12.25 20.18
N VAL A 155 -14.51 11.51 20.03
CA VAL A 155 -15.15 10.85 21.21
C VAL A 155 -14.14 9.90 21.85
N ALA A 156 -13.49 9.05 21.08
CA ALA A 156 -12.53 8.06 21.63
C ALA A 156 -11.37 8.78 22.32
N LEU A 157 -10.81 9.83 21.71
CA LEU A 157 -9.70 10.60 22.31
C LEU A 157 -10.17 11.23 23.63
N ARG A 158 -11.35 11.84 23.62
CA ARG A 158 -11.89 12.49 24.84
C ARG A 158 -11.96 11.45 25.96
N ASP A 159 -12.50 10.28 25.65
CA ASP A 159 -12.79 9.22 26.65
C ASP A 159 -11.47 8.66 27.18
N ALA A 160 -10.37 8.80 26.45
CA ALA A 160 -9.02 8.34 26.86
C ALA A 160 -8.23 9.45 27.56
N GLY A 161 -8.86 10.58 27.85
CA GLY A 161 -8.20 11.72 28.52
C GLY A 161 -7.14 12.40 27.66
N VAL A 162 -7.23 12.24 26.34
CA VAL A 162 -6.29 12.90 25.40
C VAL A 162 -6.77 14.31 25.14
N PRO A 163 -5.89 15.33 25.14
CA PRO A 163 -6.32 16.68 24.81
C PRO A 163 -6.83 16.78 23.37
N LEU A 164 -8.01 17.36 23.24
CA LEU A 164 -8.71 17.49 21.95
C LEU A 164 -8.14 18.68 21.18
N PRO A 165 -8.24 18.64 19.83
CA PRO A 165 -7.69 19.69 18.97
C PRO A 165 -8.55 20.96 19.02
N ALA A 166 -8.08 21.98 18.32
CA ALA A 166 -8.73 23.31 18.31
C ALA A 166 -10.10 23.26 17.62
N ALA A 167 -10.27 22.38 16.64
CA ALA A 167 -11.49 22.36 15.83
C ALA A 167 -11.56 21.07 15.03
N ALA A 168 -12.71 20.80 14.43
CA ALA A 168 -12.86 19.63 13.57
C ALA A 168 -13.81 19.99 12.44
N VAL A 169 -13.66 19.26 11.33
CA VAL A 169 -14.43 19.55 10.10
C VAL A 169 -14.96 18.24 9.54
N CYS A 170 -16.24 18.21 9.22
CA CYS A 170 -16.94 17.03 8.65
C CYS A 170 -17.54 17.44 7.32
N LEU A 171 -17.16 16.77 6.23
CA LEU A 171 -17.70 17.06 4.88
C LEU A 171 -18.69 15.94 4.53
N SER A 172 -19.98 16.23 4.48
CA SER A 172 -21.03 15.23 4.14
C SER A 172 -20.85 13.99 5.00
N PRO A 173 -20.76 14.10 6.35
CA PRO A 173 -20.46 12.93 7.17
C PRO A 173 -21.53 11.84 7.10
N TRP A 174 -21.06 10.61 7.19
CA TRP A 174 -21.91 9.40 7.29
C TRP A 174 -21.90 8.93 8.75
N VAL A 175 -23.00 9.14 9.45
CA VAL A 175 -23.07 8.85 10.91
C VAL A 175 -24.24 7.92 11.26
N ASP A 176 -25.13 7.61 10.32
CA ASP A 176 -26.30 6.70 10.46
C ASP A 176 -26.08 5.50 9.54
N LEU A 177 -25.61 4.39 10.09
CA LEU A 177 -25.24 3.20 9.27
C LEU A 177 -26.49 2.39 8.93
N GLU A 178 -27.69 2.81 9.34
CA GLU A 178 -28.98 2.16 8.94
C GLU A 178 -29.66 2.87 7.78
N GLY A 179 -29.26 4.10 7.42
CA GLY A 179 -29.92 4.86 6.35
C GLY A 179 -31.40 5.06 6.62
N ILE A 180 -31.75 5.60 7.79
CA ILE A 180 -33.16 5.83 8.18
C ILE A 180 -33.47 7.32 8.24
N GLY A 181 -32.54 8.19 7.83
CA GLY A 181 -32.84 9.63 7.71
C GLY A 181 -33.92 9.87 6.66
N GLU A 182 -34.73 10.91 6.83
CA GLU A 182 -35.78 11.24 5.83
C GLU A 182 -35.18 11.47 4.43
N SER A 183 -34.03 12.15 4.33
CA SER A 183 -33.39 12.47 3.03
C SER A 183 -32.99 11.19 2.29
N MET A 184 -32.81 10.06 2.99
CA MET A 184 -32.38 8.81 2.31
C MET A 184 -33.51 8.39 1.35
N THR A 185 -34.73 8.80 1.65
CA THR A 185 -35.91 8.68 0.74
C THR A 185 -36.09 9.94 -0.12
N THR A 186 -36.18 11.12 0.48
CA THR A 186 -36.66 12.32 -0.23
C THR A 186 -35.61 12.87 -1.21
N LYS A 187 -34.32 12.55 -1.05
CA LYS A 187 -33.25 13.09 -1.92
C LYS A 187 -32.68 12.00 -2.83
N ALA A 188 -33.26 10.80 -2.81
CA ALA A 188 -32.79 9.67 -3.64
C ALA A 188 -32.78 10.06 -5.14
N ALA A 189 -33.76 10.83 -5.60
CA ALA A 189 -33.87 11.21 -7.02
C ALA A 189 -32.74 12.14 -7.46
N VAL A 190 -32.23 13.00 -6.56
CA VAL A 190 -31.25 14.08 -6.94
C VAL A 190 -29.83 13.70 -6.54
N ASP A 191 -29.62 12.58 -5.85
CA ASP A 191 -28.26 12.16 -5.40
C ASP A 191 -27.69 11.21 -6.45
N PRO A 192 -26.65 11.62 -7.21
CA PRO A 192 -26.08 10.76 -8.25
C PRO A 192 -25.01 9.77 -7.78
N MET A 193 -24.68 9.76 -6.49
CA MET A 193 -23.55 8.96 -5.96
C MET A 193 -24.01 8.01 -4.85
N VAL A 194 -24.78 8.49 -3.88
CA VAL A 194 -25.09 7.75 -2.63
C VAL A 194 -26.56 7.34 -2.65
N GLN A 195 -26.79 6.05 -2.44
CA GLN A 195 -28.15 5.53 -2.22
C GLN A 195 -28.12 4.56 -1.06
N ARG A 196 -29.28 4.14 -0.60
CA ARG A 196 -29.38 3.32 0.61
C ARG A 196 -28.68 1.96 0.38
N GLU A 197 -28.89 1.33 -0.77
CA GLU A 197 -28.40 -0.06 -0.97
C GLU A 197 -26.88 -0.11 -0.87
N PRO A 198 -26.11 0.74 -1.57
CA PRO A 198 -24.65 0.74 -1.41
C PRO A 198 -24.18 1.09 0.01
N LEU A 199 -24.86 2.03 0.66
CA LEU A 199 -24.50 2.37 2.06
C LEU A 199 -24.66 1.11 2.92
N LEU A 200 -25.78 0.41 2.81
CA LEU A 200 -25.99 -0.77 3.68
C LEU A 200 -24.96 -1.86 3.34
N ARG A 201 -24.56 -1.99 2.08
CA ARG A 201 -23.52 -2.95 1.64
C ARG A 201 -22.21 -2.68 2.39
N MET A 202 -21.79 -1.42 2.41
CA MET A 202 -20.54 -1.02 3.04
C MET A 202 -20.69 -1.07 4.56
N ALA A 203 -21.83 -0.66 5.10
CA ALA A 203 -22.08 -0.74 6.56
C ALA A 203 -21.93 -2.19 7.03
N SER A 204 -22.43 -3.14 6.25
CA SER A 204 -22.34 -4.58 6.62
C SER A 204 -20.87 -4.99 6.70
N MET A 205 -20.06 -4.57 5.73
CA MET A 205 -18.62 -4.89 5.69
C MET A 205 -17.93 -4.29 6.93
N TYR A 206 -18.28 -3.07 7.30
CA TYR A 206 -17.62 -2.36 8.43
C TYR A 206 -18.08 -2.95 9.77
N LEU A 207 -19.36 -3.26 9.90
CA LEU A 207 -19.94 -3.69 11.20
C LEU A 207 -19.66 -5.16 11.46
N ALA A 208 -19.63 -6.00 10.43
CA ALA A 208 -19.39 -7.45 10.61
C ALA A 208 -20.33 -7.99 11.71
N GLY A 209 -21.61 -7.64 11.64
CA GLY A 209 -22.65 -8.18 12.55
C GLY A 209 -22.77 -7.41 13.85
N GLN A 210 -21.94 -6.38 14.09
CA GLN A 210 -22.07 -5.53 15.30
C GLN A 210 -23.32 -4.67 15.16
N ASP A 211 -23.86 -4.24 16.31
CA ASP A 211 -25.05 -3.36 16.37
C ASP A 211 -24.79 -2.16 15.46
N PRO A 212 -25.68 -1.82 14.51
CA PRO A 212 -25.44 -0.67 13.64
C PRO A 212 -25.53 0.66 14.39
N ARG A 213 -25.97 0.67 15.65
CA ARG A 213 -25.97 1.88 16.50
C ARG A 213 -24.78 1.90 17.46
N THR A 214 -23.79 1.01 17.27
CA THR A 214 -22.52 1.02 18.03
C THR A 214 -21.96 2.45 17.97
N PRO A 215 -21.79 3.15 19.10
CA PRO A 215 -21.51 4.59 19.06
C PRO A 215 -20.24 5.02 18.32
N LEU A 216 -19.14 4.27 18.37
CA LEU A 216 -17.93 4.68 17.64
C LEU A 216 -18.04 4.28 16.16
N ALA A 217 -19.03 3.49 15.75
CA ALA A 217 -19.24 3.19 14.31
C ALA A 217 -20.25 4.19 13.74
N ALA A 218 -21.21 4.60 14.58
CA ALA A 218 -22.38 5.41 14.20
C ALA A 218 -22.53 6.52 15.22
N PRO A 219 -21.72 7.59 15.11
CA PRO A 219 -21.64 8.58 16.19
C PRO A 219 -22.88 9.45 16.39
N LEU A 220 -23.93 9.26 15.59
CA LEU A 220 -25.26 9.80 15.93
C LEU A 220 -25.69 9.26 17.29
N TYR A 221 -25.12 8.13 17.74
CA TYR A 221 -25.51 7.48 19.02
C TYR A 221 -24.43 7.66 20.07
N ALA A 222 -23.39 8.45 19.80
CA ALA A 222 -22.27 8.66 20.74
C ALA A 222 -22.57 9.84 21.66
N ASP A 223 -21.87 9.87 22.78
CA ASP A 223 -21.89 11.02 23.70
C ASP A 223 -20.93 12.08 23.18
N LEU A 224 -21.44 13.24 22.74
CA LEU A 224 -20.61 14.26 22.05
C LEU A 224 -20.19 15.40 23.00
N ARG A 225 -20.50 15.31 24.28
CA ARG A 225 -20.16 16.40 25.22
C ARG A 225 -18.66 16.65 25.22
N GLY A 226 -18.25 17.91 25.17
CA GLY A 226 -16.85 18.29 25.31
C GLY A 226 -16.10 18.37 23.99
N LEU A 227 -16.74 18.05 22.88
CA LEU A 227 -16.06 18.16 21.56
C LEU A 227 -15.76 19.60 21.24
N PRO A 228 -14.70 19.85 20.45
CA PRO A 228 -14.33 21.19 20.05
C PRO A 228 -15.26 21.71 18.96
N PRO A 229 -15.10 22.99 18.57
CA PRO A 229 -15.95 23.56 17.53
C PRO A 229 -15.90 22.74 16.24
N LEU A 230 -17.10 22.45 15.70
N LEU A 230 -17.06 22.55 15.64
CA LEU A 230 -17.30 21.61 14.49
CA LEU A 230 -17.28 21.59 14.54
C LEU A 230 -17.81 22.51 13.37
C LEU A 230 -17.92 22.30 13.35
N LEU A 231 -17.26 22.28 12.19
CA LEU A 231 -17.85 22.77 10.92
C LEU A 231 -18.38 21.52 10.22
N ILE A 232 -19.65 21.52 9.87
CA ILE A 232 -20.27 20.44 9.06
C ILE A 232 -20.68 21.09 7.74
N GLN A 233 -20.09 20.68 6.63
CA GLN A 233 -20.50 21.14 5.29
C GLN A 233 -21.22 19.99 4.61
N VAL A 234 -22.39 20.23 4.04
CA VAL A 234 -23.22 19.17 3.43
C VAL A 234 -23.99 19.77 2.27
N GLY A 235 -24.23 18.99 1.23
CA GLY A 235 -25.01 19.47 0.07
C GLY A 235 -26.47 19.13 0.25
N THR A 236 -27.37 19.93 -0.34
CA THR A 236 -28.82 19.66 -0.18
C THR A 236 -29.26 18.60 -1.19
N ALA A 237 -28.44 18.27 -2.19
CA ALA A 237 -28.74 17.18 -3.15
C ALA A 237 -28.06 15.89 -2.69
N GLU A 238 -28.29 15.54 -1.43
CA GLU A 238 -27.61 14.41 -0.76
C GLU A 238 -28.62 13.59 0.02
N THR A 239 -28.61 12.27 -0.19
CA THR A 239 -29.33 11.33 0.69
C THR A 239 -28.74 11.43 2.10
N LEU A 240 -27.46 11.81 2.24
CA LEU A 240 -26.87 11.96 3.59
C LEU A 240 -27.14 13.34 4.20
N LEU A 241 -28.00 14.16 3.61
CA LEU A 241 -28.27 15.50 4.22
C LEU A 241 -28.71 15.35 5.68
N ASP A 242 -29.62 14.44 5.96
CA ASP A 242 -30.16 14.33 7.33
C ASP A 242 -29.14 13.67 8.28
N ASP A 243 -28.08 13.03 7.79
CA ASP A 243 -26.95 12.64 8.67
C ASP A 243 -26.33 13.90 9.27
N SER A 244 -26.09 14.92 8.46
CA SER A 244 -25.48 16.19 8.93
C SER A 244 -26.46 16.91 9.86
N VAL A 245 -27.74 16.98 9.48
CA VAL A 245 -28.75 17.72 10.28
C VAL A 245 -28.84 17.05 11.66
N ARG A 246 -28.95 15.73 11.70
CA ARG A 246 -29.06 14.99 12.99
C ARG A 246 -27.77 15.12 13.78
N LEU A 247 -26.62 15.09 13.14
CA LEU A 247 -25.35 15.25 13.88
C LEU A 247 -25.33 16.65 14.53
N ALA A 248 -25.68 17.70 13.79
CA ALA A 248 -25.70 19.07 14.32
C ALA A 248 -26.64 19.11 15.54
N GLU A 249 -27.81 18.53 15.41
CA GLU A 249 -28.80 18.52 16.53
C GLU A 249 -28.17 17.85 17.76
N ARG A 250 -27.57 16.67 17.58
CA ARG A 250 -26.99 15.92 18.72
C ARG A 250 -25.81 16.70 19.33
N ALA A 251 -24.95 17.25 18.50
CA ALA A 251 -23.76 17.97 18.98
C ALA A 251 -24.21 19.22 19.75
N ARG A 252 -25.15 20.00 19.20
CA ARG A 252 -25.59 21.24 19.88
C ARG A 252 -26.28 20.89 21.19
N ALA A 253 -27.06 19.81 21.23
CA ALA A 253 -27.73 19.34 22.46
C ALA A 253 -26.69 18.98 23.52
N ALA A 254 -25.49 18.58 23.12
CA ALA A 254 -24.36 18.22 24.01
C ALA A 254 -23.45 19.42 24.28
N GLY A 255 -23.81 20.63 23.86
CA GLY A 255 -23.08 21.86 24.19
C GLY A 255 -21.93 22.16 23.26
N VAL A 256 -21.84 21.45 22.13
CA VAL A 256 -20.71 21.66 21.18
C VAL A 256 -21.00 22.87 20.32
N GLN A 257 -19.99 23.69 20.06
N GLN A 257 -19.98 23.65 19.97
CA GLN A 257 -20.10 24.77 19.06
CA GLN A 257 -20.11 24.83 19.08
C GLN A 257 -20.16 24.05 17.71
C GLN A 257 -20.11 24.39 17.61
N VAL A 258 -21.30 24.19 17.04
CA VAL A 258 -21.52 23.58 15.71
C VAL A 258 -21.81 24.69 14.71
N THR A 259 -21.20 24.62 13.55
CA THR A 259 -21.61 25.41 12.38
C THR A 259 -22.09 24.39 11.35
N LEU A 260 -23.38 24.39 11.06
CA LEU A 260 -23.93 23.51 9.99
C LEU A 260 -24.13 24.36 8.73
N GLU A 261 -23.41 24.02 7.66
CA GLU A 261 -23.45 24.76 6.39
C GLU A 261 -24.07 23.86 5.33
N PRO A 262 -25.36 24.02 5.01
CA PRO A 262 -25.97 23.33 3.87
C PRO A 262 -25.79 24.12 2.57
N TRP A 263 -25.13 23.52 1.59
CA TRP A 263 -24.81 24.15 0.28
C TRP A 263 -25.87 23.72 -0.74
N GLU A 264 -26.67 24.67 -1.19
CA GLU A 264 -27.81 24.40 -2.09
C GLU A 264 -27.35 23.70 -3.37
N ASP A 265 -27.97 22.55 -3.62
CA ASP A 265 -27.87 21.74 -4.85
C ASP A 265 -26.54 20.98 -4.90
N MET A 266 -25.66 21.11 -3.91
CA MET A 266 -24.36 20.39 -3.98
C MET A 266 -24.56 18.90 -3.72
N ILE A 267 -23.66 18.12 -4.32
CA ILE A 267 -23.67 16.64 -4.22
C ILE A 267 -22.58 16.19 -3.24
N HIS A 268 -22.60 14.90 -2.96
CA HIS A 268 -21.74 14.29 -1.92
C HIS A 268 -20.26 14.62 -2.16
N VAL A 269 -19.61 15.19 -1.15
CA VAL A 269 -18.16 15.53 -1.20
C VAL A 269 -17.86 16.29 -2.51
N TRP A 270 -18.69 17.28 -2.80
CA TRP A 270 -18.48 18.16 -3.98
C TRP A 270 -17.12 18.85 -3.90
N GLN A 271 -16.58 19.05 -2.70
CA GLN A 271 -15.23 19.66 -2.50
C GLN A 271 -14.17 18.90 -3.30
N ALA A 272 -14.30 17.59 -3.47
CA ALA A 272 -13.30 16.77 -4.17
C ALA A 272 -13.21 17.16 -5.65
N PHE A 273 -14.22 17.85 -6.17
CA PHE A 273 -14.29 18.26 -7.60
C PHE A 273 -13.86 19.72 -7.78
N ALA A 274 -13.20 20.32 -6.79
CA ALA A 274 -12.85 21.75 -6.76
C ALA A 274 -12.02 22.18 -7.98
N ALA A 275 -11.27 21.27 -8.61
CA ALA A 275 -10.49 21.60 -9.83
C ALA A 275 -11.44 22.14 -10.91
N MET A 276 -12.65 21.61 -11.02
CA MET A 276 -13.64 22.01 -12.05
C MET A 276 -14.84 22.75 -11.45
N LEU A 277 -15.17 22.55 -10.16
CA LEU A 277 -16.46 23.01 -9.60
C LEU A 277 -16.24 24.22 -8.69
N PRO A 278 -16.66 25.44 -9.10
CA PRO A 278 -16.40 26.63 -8.30
C PRO A 278 -16.86 26.50 -6.83
N GLU A 279 -18.02 25.91 -6.60
CA GLU A 279 -18.57 25.73 -5.22
C GLU A 279 -17.64 24.80 -4.43
N GLY A 280 -16.93 23.90 -5.10
CA GLY A 280 -15.94 23.04 -4.39
C GLY A 280 -14.80 23.89 -3.86
N GLN A 281 -14.24 24.78 -4.68
CA GLN A 281 -13.13 25.65 -4.23
C GLN A 281 -13.68 26.62 -3.17
N GLN A 282 -14.90 27.15 -3.35
CA GLN A 282 -15.49 28.11 -2.36
C GLN A 282 -15.63 27.40 -1.01
N ALA A 283 -16.10 26.15 -1.00
CA ALA A 283 -16.30 25.39 0.26
C ALA A 283 -14.93 25.15 0.92
N ILE A 284 -13.90 24.82 0.14
CA ILE A 284 -12.55 24.58 0.71
C ILE A 284 -12.00 25.89 1.29
N GLU A 285 -12.22 27.02 0.62
CA GLU A 285 -11.77 28.32 1.19
C GLU A 285 -12.45 28.55 2.55
N ARG A 286 -13.73 28.17 2.67
CA ARG A 286 -14.49 28.29 3.94
C ARG A 286 -13.85 27.38 5.01
N ILE A 287 -13.51 26.15 4.65
CA ILE A 287 -12.80 25.24 5.60
C ILE A 287 -11.54 25.93 6.11
N GLY A 288 -10.72 26.49 5.22
CA GLY A 288 -9.47 27.15 5.64
C GLY A 288 -9.75 28.32 6.56
N GLU A 289 -10.77 29.11 6.26
CA GLU A 289 -11.13 30.30 7.09
C GLU A 289 -11.49 29.82 8.50
N PHE A 290 -12.30 28.76 8.57
CA PHE A 290 -12.78 28.17 9.84
C PHE A 290 -11.59 27.70 10.67
N LEU A 291 -10.67 26.97 10.06
CA LEU A 291 -9.53 26.43 10.82
C LEU A 291 -8.62 27.56 11.27
N ARG A 292 -8.31 28.50 10.38
CA ARG A 292 -7.42 29.63 10.77
C ARG A 292 -8.04 30.46 11.89
N GLN A 293 -9.35 30.65 11.89
CA GLN A 293 -10.05 31.39 12.97
C GLN A 293 -9.83 30.67 14.30
N HIS A 294 -9.93 29.35 14.32
CA HIS A 294 -9.83 28.58 15.58
C HIS A 294 -8.39 28.38 16.03
N TRP A 295 -7.42 28.61 15.15
CA TRP A 295 -5.99 28.54 15.50
C TRP A 295 -5.45 29.90 15.97
N GLN A 296 -6.11 31.00 15.62
CA GLN A 296 -5.74 32.36 16.12
C GLN A 296 -5.65 32.36 17.66
N ALA B 2 7.08 -33.04 5.61
CA ALA B 2 7.79 -31.76 5.91
C ALA B 2 7.81 -31.55 7.42
N SER B 3 8.70 -30.68 7.90
CA SER B 3 8.82 -30.33 9.34
C SER B 3 7.44 -29.89 9.85
N GLU B 4 7.19 -30.00 11.17
CA GLU B 4 5.93 -29.50 11.78
C GLU B 4 5.86 -27.98 11.60
N ALA B 5 7.01 -27.30 11.57
CA ALA B 5 7.12 -25.84 11.38
C ALA B 5 6.37 -25.47 10.09
N LEU B 6 6.41 -26.31 9.06
CA LEU B 6 5.75 -25.92 7.79
C LEU B 6 4.25 -25.76 8.01
N THR B 7 3.59 -26.70 8.67
N THR B 7 3.62 -26.72 8.66
CA THR B 7 2.11 -26.65 8.83
CA THR B 7 2.15 -26.71 8.84
C THR B 7 1.75 -25.39 9.61
C THR B 7 1.76 -25.45 9.62
N MET B 8 2.54 -25.08 10.64
CA MET B 8 2.23 -23.93 11.51
C MET B 8 2.46 -22.66 10.72
N ILE B 9 3.52 -22.60 9.91
CA ILE B 9 3.78 -21.37 9.08
C ILE B 9 2.66 -21.21 8.06
N VAL B 10 2.22 -22.28 7.41
CA VAL B 10 1.09 -22.22 6.43
C VAL B 10 -0.14 -21.64 7.14
N ASN B 11 -0.45 -22.13 8.33
CA ASN B 11 -1.62 -21.66 9.10
C ASN B 11 -1.48 -20.16 9.36
N LEU B 12 -0.34 -19.70 9.86
CA LEU B 12 -0.13 -18.28 10.19
C LEU B 12 -0.25 -17.44 8.90
N LEU B 13 0.31 -17.89 7.79
CA LEU B 13 0.23 -17.11 6.52
C LEU B 13 -1.21 -17.03 6.02
N ARG B 14 -2.01 -18.08 6.16
CA ARG B 14 -3.44 -18.06 5.74
C ARG B 14 -4.21 -16.99 6.54
N SER B 15 -3.78 -16.69 7.76
CA SER B 15 -4.38 -15.64 8.62
C SER B 15 -3.85 -14.25 8.27
N GLN B 16 -2.54 -14.12 8.03
N GLN B 16 -2.53 -14.13 7.99
CA GLN B 16 -1.89 -12.81 7.75
CA GLN B 16 -1.87 -12.81 7.75
C GLN B 16 -2.31 -12.31 6.36
C GLN B 16 -2.21 -12.29 6.35
N ARG B 17 -2.23 -13.18 5.34
CA ARG B 17 -2.68 -12.84 3.96
C ARG B 17 -2.16 -11.46 3.54
N PRO B 18 -0.85 -11.17 3.51
CA PRO B 18 -0.42 -9.80 3.27
C PRO B 18 -0.77 -9.25 1.87
N LEU B 19 -0.92 -10.10 0.86
CA LEU B 19 -1.31 -9.62 -0.51
C LEU B 19 -2.80 -9.29 -0.59
N GLN B 20 -3.58 -9.57 0.45
CA GLN B 20 -5.05 -9.29 0.42
C GLN B 20 -5.35 -8.04 1.26
N GLU B 21 -4.34 -7.31 1.74
CA GLU B 21 -4.57 -6.00 2.41
C GLU B 21 -5.21 -5.01 1.44
N PRO B 22 -6.07 -4.11 1.96
CA PRO B 22 -6.95 -3.33 1.08
C PRO B 22 -6.29 -2.21 0.27
N THR B 23 -5.11 -1.75 0.68
CA THR B 23 -4.39 -0.66 0.01
C THR B 23 -2.93 -1.04 -0.15
N VAL B 24 -2.26 -0.37 -1.08
CA VAL B 24 -0.78 -0.54 -1.28
C VAL B 24 -0.04 -0.33 0.04
N GLU B 25 -0.35 0.74 0.78
CA GLU B 25 0.41 1.04 2.02
C GLU B 25 0.15 -0.03 3.07
N GLN B 26 -1.07 -0.58 3.14
CA GLN B 26 -1.37 -1.67 4.10
C GLN B 26 -0.66 -2.96 3.67
N MET B 27 -0.53 -3.21 2.37
N MET B 27 -0.56 -3.23 2.38
CA MET B 27 0.23 -4.39 1.89
CA MET B 27 0.21 -4.38 1.85
C MET B 27 1.70 -4.22 2.27
C MET B 27 1.67 -4.22 2.27
N ARG B 28 2.25 -3.04 2.05
CA ARG B 28 3.67 -2.76 2.40
C ARG B 28 3.86 -3.00 3.90
N ALA B 29 2.99 -2.44 4.73
CA ALA B 29 3.08 -2.54 6.20
C ALA B 29 2.91 -4.00 6.65
N GLY B 30 2.03 -4.76 5.98
CA GLY B 30 1.79 -6.19 6.30
C GLY B 30 3.05 -7.01 6.09
N LEU B 31 3.77 -6.78 4.99
CA LEU B 31 5.03 -7.54 4.78
C LEU B 31 6.09 -7.10 5.79
N GLU B 32 6.17 -5.82 6.13
CA GLU B 32 7.18 -5.32 7.11
C GLU B 32 6.90 -6.00 8.46
N ALA B 33 5.63 -6.14 8.83
CA ALA B 33 5.23 -6.81 10.09
C ALA B 33 5.68 -8.27 10.07
N MET B 34 5.47 -8.98 8.96
N MET B 34 5.51 -8.96 8.95
CA MET B 34 5.86 -10.40 8.77
CA MET B 34 5.89 -10.40 8.80
C MET B 34 7.39 -10.52 8.92
C MET B 34 7.41 -10.54 8.89
N ALA B 35 8.15 -9.65 8.26
CA ALA B 35 9.63 -9.71 8.21
C ALA B 35 10.22 -9.53 9.62
N GLN B 36 9.66 -8.64 10.45
CA GLN B 36 10.17 -8.34 11.82
C GLN B 36 10.13 -9.58 12.71
N MET B 37 9.46 -10.66 12.29
CA MET B 37 9.40 -11.94 13.07
C MET B 37 10.73 -12.70 12.99
N SER B 38 11.51 -12.50 11.92
CA SER B 38 12.85 -13.11 11.72
C SER B 38 13.92 -12.03 11.89
N PRO B 39 14.35 -11.74 13.14
CA PRO B 39 15.23 -10.60 13.42
C PRO B 39 16.71 -10.93 13.13
N LEU B 40 17.49 -9.93 12.69
CA LEU B 40 18.91 -10.08 12.26
C LEU B 40 19.75 -10.70 13.38
N PRO B 41 20.62 -11.68 13.08
CA PRO B 41 21.74 -12.03 13.95
C PRO B 41 22.62 -10.81 14.24
N ALA B 42 23.27 -10.82 15.41
CA ALA B 42 24.12 -9.71 15.92
C ALA B 42 25.33 -9.47 15.01
N ASP B 43 25.80 -10.48 14.28
CA ASP B 43 27.07 -10.39 13.50
C ASP B 43 26.79 -9.81 12.09
N VAL B 44 25.54 -9.49 11.76
CA VAL B 44 25.21 -8.93 10.42
C VAL B 44 25.55 -7.45 10.43
N GLU B 45 26.30 -6.99 9.43
CA GLU B 45 26.57 -5.55 9.20
C GLU B 45 25.80 -5.11 7.96
N LEU B 46 24.88 -4.18 8.14
N LEU B 46 25.09 -4.00 8.07
CA LEU B 46 24.06 -3.54 7.08
CA LEU B 46 24.35 -3.34 6.96
C LEU B 46 24.54 -2.10 6.95
C LEU B 46 24.86 -1.90 6.84
N THR B 47 24.89 -1.64 5.76
N THR B 47 25.22 -1.45 5.63
CA THR B 47 25.22 -0.21 5.55
CA THR B 47 25.62 -0.04 5.38
C THR B 47 24.63 0.29 4.23
C THR B 47 24.89 0.47 4.12
N THR B 48 24.01 1.46 4.30
CA THR B 48 23.31 2.08 3.16
C THR B 48 24.37 2.63 2.21
N VAL B 49 24.09 2.55 0.93
CA VAL B 49 24.98 3.03 -0.15
C VAL B 49 24.14 3.55 -1.32
N ASP B 50 24.68 4.51 -2.06
CA ASP B 50 24.11 4.99 -3.34
C ASP B 50 24.75 4.14 -4.42
N ALA B 51 24.02 3.15 -4.95
CA ALA B 51 24.52 2.25 -6.01
C ALA B 51 24.24 2.87 -7.37
N GLY B 52 24.99 3.94 -7.69
CA GLY B 52 24.95 4.61 -9.00
C GLY B 52 23.61 5.28 -9.25
N GLY B 53 22.97 5.81 -8.21
CA GLY B 53 21.67 6.53 -8.32
C GLY B 53 20.51 5.68 -7.83
N VAL B 54 20.76 4.44 -7.40
CA VAL B 54 19.73 3.55 -6.81
C VAL B 54 20.10 3.34 -5.35
N PRO B 55 19.22 3.65 -4.37
CA PRO B 55 19.55 3.39 -2.98
C PRO B 55 19.69 1.89 -2.74
N GLY B 56 20.65 1.51 -1.93
CA GLY B 56 20.84 0.11 -1.59
C GLY B 56 21.49 -0.03 -0.25
N ALA B 57 21.80 -1.26 0.10
CA ALA B 57 22.53 -1.59 1.33
C ALA B 57 23.45 -2.74 1.02
N TRP B 58 24.67 -2.62 1.51
CA TRP B 58 25.59 -3.78 1.65
C TRP B 58 25.11 -4.60 2.83
N VAL B 59 24.98 -5.91 2.62
CA VAL B 59 24.66 -6.88 3.69
C VAL B 59 25.86 -7.82 3.78
N ARG B 60 26.52 -7.81 4.93
CA ARG B 60 27.80 -8.54 5.12
C ARG B 60 27.76 -9.30 6.44
N VAL B 61 28.43 -10.43 6.47
CA VAL B 61 28.62 -11.28 7.67
C VAL B 61 30.10 -11.56 7.78
N PRO B 62 30.57 -12.08 8.93
CA PRO B 62 31.99 -12.38 9.09
C PRO B 62 32.54 -13.28 7.96
N GLU B 63 31.71 -14.21 7.47
CA GLU B 63 31.99 -15.17 6.37
C GLU B 63 32.12 -14.49 5.00
N SER B 64 31.65 -13.25 4.84
CA SER B 64 31.62 -12.56 3.52
C SER B 64 33.02 -12.39 2.95
N ASP B 65 33.24 -12.89 1.73
CA ASP B 65 34.41 -12.56 0.90
C ASP B 65 34.01 -11.45 -0.05
N PRO B 66 34.53 -10.23 0.09
CA PRO B 66 34.11 -9.11 -0.76
C PRO B 66 34.52 -9.23 -2.23
N ASP B 67 35.33 -10.23 -2.58
CA ASP B 67 35.63 -10.51 -4.01
C ASP B 67 34.37 -11.04 -4.72
N ARG B 68 33.42 -11.58 -3.97
CA ARG B 68 32.19 -12.15 -4.58
C ARG B 68 31.01 -11.28 -4.18
N VAL B 69 30.13 -10.97 -5.12
N VAL B 69 30.11 -11.05 -5.13
CA VAL B 69 28.96 -10.10 -4.79
CA VAL B 69 28.96 -10.13 -4.95
C VAL B 69 27.72 -10.63 -5.48
C VAL B 69 27.71 -10.84 -5.47
N VAL B 70 26.63 -10.73 -4.71
CA VAL B 70 25.27 -10.99 -5.23
C VAL B 70 24.51 -9.66 -5.24
N LEU B 71 24.01 -9.27 -6.41
CA LEU B 71 22.99 -8.20 -6.52
C LEU B 71 21.65 -8.87 -6.24
N TYR B 72 21.00 -8.49 -5.14
CA TYR B 72 19.77 -9.15 -4.66
C TYR B 72 18.59 -8.23 -4.97
N LEU B 73 17.59 -8.80 -5.66
CA LEU B 73 16.37 -8.13 -6.13
C LEU B 73 15.18 -8.70 -5.37
N HIS B 74 14.63 -7.93 -4.42
CA HIS B 74 13.59 -8.45 -3.51
C HIS B 74 12.27 -8.64 -4.26
N GLY B 75 11.44 -9.51 -3.70
CA GLY B 75 10.07 -9.72 -4.17
C GLY B 75 9.08 -8.78 -3.55
N GLY B 76 7.81 -8.98 -3.89
CA GLY B 76 6.72 -8.08 -3.47
C GLY B 76 5.90 -7.58 -4.62
N GLY B 77 5.79 -8.33 -5.71
CA GLY B 77 4.84 -8.01 -6.80
C GLY B 77 5.18 -6.74 -7.54
N TYR B 78 6.41 -6.20 -7.41
CA TYR B 78 6.87 -4.92 -7.96
C TYR B 78 6.18 -3.74 -7.25
N VAL B 79 5.47 -4.03 -6.15
CA VAL B 79 4.65 -3.02 -5.42
C VAL B 79 5.10 -2.90 -3.97
N ILE B 80 5.54 -3.97 -3.31
CA ILE B 80 5.89 -3.95 -1.86
C ILE B 80 7.30 -4.52 -1.70
N GLY B 81 7.75 -4.57 -0.45
CA GLY B 81 9.09 -5.05 -0.12
C GLY B 81 10.06 -3.91 0.01
N SER B 82 11.18 -4.18 0.68
CA SER B 82 12.19 -3.14 0.99
C SER B 82 13.49 -3.81 1.40
N ILE B 83 14.49 -2.99 1.67
CA ILE B 83 15.73 -3.48 2.34
C ILE B 83 15.34 -4.13 3.68
N ARG B 84 14.40 -3.56 4.44
CA ARG B 84 14.04 -4.12 5.76
C ARG B 84 13.37 -5.49 5.60
N THR B 85 12.53 -5.72 4.58
CA THR B 85 11.80 -6.99 4.48
C THR B 85 12.76 -8.12 4.10
N HIS B 86 13.80 -7.84 3.33
CA HIS B 86 14.64 -8.89 2.71
C HIS B 86 16.06 -8.94 3.28
N ARG B 87 16.42 -8.08 4.23
CA ARG B 87 17.81 -8.09 4.76
C ARG B 87 18.11 -9.41 5.44
N ASP B 88 17.15 -10.11 6.05
CA ASP B 88 17.45 -11.40 6.70
C ASP B 88 17.75 -12.46 5.62
N LEU B 89 16.93 -12.54 4.57
CA LEU B 89 17.23 -13.51 3.50
C LEU B 89 18.59 -13.17 2.90
N ALA B 90 18.88 -11.89 2.69
CA ALA B 90 20.16 -11.43 2.10
C ALA B 90 21.32 -11.93 2.98
N GLN B 91 21.24 -11.79 4.31
CA GLN B 91 22.40 -12.13 5.17
C GLN B 91 22.58 -13.64 5.17
N ARG B 92 21.49 -14.41 5.11
CA ARG B 92 21.61 -15.89 5.05
C ARG B 92 22.29 -16.31 3.76
N ILE B 93 21.98 -15.67 2.63
CA ILE B 93 22.66 -15.97 1.35
C ILE B 93 24.14 -15.55 1.45
N ALA B 94 24.41 -14.36 2.00
CA ALA B 94 25.80 -13.87 2.17
C ALA B 94 26.61 -14.93 2.93
N ARG B 95 26.01 -15.49 3.97
CA ARG B 95 26.66 -16.46 4.87
C ARG B 95 26.91 -17.78 4.12
N ALA B 96 25.92 -18.26 3.37
CA ALA B 96 25.98 -19.59 2.71
C ALA B 96 26.93 -19.52 1.52
N ALA B 97 26.91 -18.42 0.75
CA ALA B 97 27.73 -18.26 -0.47
C ALA B 97 29.10 -17.66 -0.14
N ARG B 98 29.29 -17.20 1.12
CA ARG B 98 30.52 -16.51 1.59
C ARG B 98 30.82 -15.32 0.68
N CYS B 99 29.85 -14.43 0.53
CA CYS B 99 29.92 -13.25 -0.37
C CYS B 99 29.32 -12.04 0.33
N ARG B 100 29.46 -10.87 -0.28
CA ARG B 100 28.69 -9.70 0.15
C ARG B 100 27.48 -9.56 -0.79
N VAL B 101 26.41 -9.02 -0.23
CA VAL B 101 25.14 -8.86 -0.98
C VAL B 101 24.86 -7.37 -1.09
N LEU B 102 24.57 -6.92 -2.29
CA LEU B 102 24.03 -5.56 -2.52
C LEU B 102 22.52 -5.70 -2.66
N LEU B 103 21.79 -5.19 -1.68
CA LEU B 103 20.32 -5.32 -1.64
C LEU B 103 19.76 -3.96 -2.03
N ILE B 104 19.11 -3.84 -3.17
CA ILE B 104 18.70 -2.49 -3.67
C ILE B 104 17.23 -2.21 -3.37
N ASP B 105 16.98 -0.93 -3.13
N ASP B 105 16.94 -0.94 -3.07
CA ASP B 105 15.62 -0.36 -2.95
CA ASP B 105 15.56 -0.44 -2.86
C ASP B 105 15.18 0.17 -4.31
C ASP B 105 15.09 0.12 -4.21
N TYR B 106 14.87 -0.74 -5.23
CA TYR B 106 14.47 -0.33 -6.59
C TYR B 106 13.08 0.33 -6.52
N ARG B 107 12.82 1.17 -7.50
CA ARG B 107 11.56 1.94 -7.54
C ARG B 107 10.37 0.98 -7.69
N LEU B 108 9.31 1.26 -6.95
CA LEU B 108 8.11 0.39 -6.85
C LEU B 108 6.92 1.06 -7.53
N ALA B 109 6.04 0.23 -8.07
CA ALA B 109 4.70 0.62 -8.55
C ALA B 109 3.79 0.72 -7.34
N PRO B 110 2.68 1.49 -7.40
CA PRO B 110 2.25 2.23 -8.59
C PRO B 110 2.91 3.58 -8.82
N GLU B 111 3.71 4.05 -7.88
CA GLU B 111 4.41 5.36 -8.01
C GLU B 111 5.29 5.34 -9.27
N HIS B 112 5.99 4.23 -9.50
CA HIS B 112 6.99 4.10 -10.60
C HIS B 112 6.70 2.81 -11.34
N PRO B 113 5.87 2.85 -12.39
CA PRO B 113 5.56 1.66 -13.16
C PRO B 113 6.77 1.12 -13.94
N HIS B 114 6.64 -0.11 -14.43
CA HIS B 114 7.57 -0.71 -15.41
C HIS B 114 7.86 0.36 -16.46
N PRO B 115 9.11 0.61 -16.89
CA PRO B 115 10.29 -0.20 -16.55
C PRO B 115 11.20 0.35 -15.45
N ALA B 116 10.68 1.13 -14.50
CA ALA B 116 11.54 1.74 -13.46
C ALA B 116 12.36 0.65 -12.76
N ALA B 117 11.74 -0.46 -12.35
CA ALA B 117 12.48 -1.51 -11.57
C ALA B 117 13.69 -2.00 -12.38
N VAL B 118 13.51 -2.24 -13.68
CA VAL B 118 14.57 -2.81 -14.56
C VAL B 118 15.63 -1.74 -14.83
N GLU B 119 15.24 -0.48 -14.96
CA GLU B 119 16.23 0.61 -15.06
C GLU B 119 17.12 0.59 -13.82
N ASP B 120 16.52 0.43 -12.64
CA ASP B 120 17.28 0.46 -11.37
C ASP B 120 18.18 -0.78 -11.24
N SER B 121 17.68 -1.99 -11.52
CA SER B 121 18.49 -3.22 -11.36
C SER B 121 19.68 -3.16 -12.34
N THR B 122 19.46 -2.74 -13.58
CA THR B 122 20.57 -2.70 -14.56
C THR B 122 21.56 -1.61 -14.13
N ARG B 123 21.10 -0.46 -13.62
CA ARG B 123 22.03 0.60 -13.16
C ARG B 123 22.90 0.08 -12.02
N ALA B 124 22.32 -0.64 -11.06
CA ALA B 124 23.06 -1.14 -9.90
C ALA B 124 24.13 -2.11 -10.36
N TYR B 125 23.79 -3.01 -11.29
CA TYR B 125 24.75 -4.00 -11.81
C TYR B 125 25.92 -3.28 -12.49
N ARG B 126 25.60 -2.30 -13.33
N ARG B 126 25.59 -2.30 -13.34
CA ARG B 126 26.65 -1.54 -14.07
CA ARG B 126 26.59 -1.49 -14.07
C ARG B 126 27.51 -0.76 -13.06
C ARG B 126 27.49 -0.77 -13.07
N TRP B 127 26.92 -0.23 -12.00
CA TRP B 127 27.67 0.45 -10.90
C TRP B 127 28.66 -0.53 -10.26
N LEU B 128 28.25 -1.77 -10.00
CA LEU B 128 29.16 -2.78 -9.44
C LEU B 128 30.35 -2.96 -10.39
N LEU B 129 30.10 -3.07 -11.69
CA LEU B 129 31.20 -3.22 -12.68
C LEU B 129 32.09 -1.97 -12.65
N GLU B 130 31.49 -0.79 -12.59
CA GLU B 130 32.24 0.51 -12.59
C GLU B 130 33.18 0.57 -11.38
N THR B 131 32.80 -0.03 -10.25
CA THR B 131 33.58 0.05 -9.00
C THR B 131 34.55 -1.13 -8.89
N GLY B 132 34.58 -2.02 -9.89
CA GLY B 132 35.63 -3.04 -10.08
C GLY B 132 35.18 -4.46 -9.82
N SER B 133 33.88 -4.75 -9.64
CA SER B 133 33.41 -6.14 -9.44
C SER B 133 33.67 -6.94 -10.72
N ASP B 134 34.03 -8.21 -10.58
CA ASP B 134 34.30 -9.07 -11.76
C ASP B 134 33.13 -9.99 -12.03
N PRO B 135 32.59 -10.00 -13.27
CA PRO B 135 31.46 -10.89 -13.60
C PRO B 135 31.65 -12.36 -13.22
N LYS B 136 32.89 -12.86 -13.27
CA LYS B 136 33.17 -14.28 -12.92
C LYS B 136 32.93 -14.53 -11.44
N ARG B 137 32.83 -13.47 -10.63
CA ARG B 137 32.61 -13.60 -9.17
C ARG B 137 31.34 -12.84 -8.77
N MET B 138 30.43 -12.67 -9.72
CA MET B 138 29.13 -12.01 -9.45
C MET B 138 27.96 -12.95 -9.69
N ALA B 139 26.81 -12.62 -9.10
CA ALA B 139 25.54 -13.28 -9.41
C ALA B 139 24.42 -12.27 -9.20
N ILE B 140 23.30 -12.50 -9.85
CA ILE B 140 22.05 -11.75 -9.60
C ILE B 140 21.05 -12.76 -9.05
N ALA B 141 20.39 -12.42 -7.95
CA ALA B 141 19.44 -13.34 -7.30
C ALA B 141 18.21 -12.54 -6.90
N GLY B 142 17.07 -13.21 -6.89
CA GLY B 142 15.85 -12.53 -6.42
C GLY B 142 14.72 -13.48 -6.21
N ASP B 143 13.75 -13.05 -5.42
CA ASP B 143 12.60 -13.90 -5.05
C ASP B 143 11.35 -13.32 -5.72
N ALA B 144 10.51 -14.18 -6.25
CA ALA B 144 9.12 -13.82 -6.65
C ALA B 144 9.19 -12.73 -7.72
N ALA B 145 8.59 -11.54 -7.56
CA ALA B 145 8.75 -10.45 -8.54
C ALA B 145 10.25 -10.22 -8.82
N GLY B 146 11.08 -10.30 -7.79
CA GLY B 146 12.53 -10.10 -7.92
C GLY B 146 13.20 -11.22 -8.70
N GLY B 147 12.60 -12.40 -8.71
CA GLY B 147 13.10 -13.51 -9.55
C GLY B 147 12.78 -13.24 -11.01
N GLY B 148 11.58 -12.75 -11.31
CA GLY B 148 11.30 -12.22 -12.65
C GLY B 148 12.23 -11.06 -13.00
N LEU B 149 12.47 -10.16 -12.06
CA LEU B 149 13.32 -8.98 -12.35
C LEU B 149 14.76 -9.44 -12.63
N THR B 150 15.21 -10.51 -11.98
CA THR B 150 16.55 -11.08 -12.22
C THR B 150 16.67 -11.46 -13.70
N VAL B 151 15.68 -12.19 -14.20
CA VAL B 151 15.74 -12.65 -15.61
C VAL B 151 15.68 -11.44 -16.54
N ALA B 152 14.75 -10.50 -16.30
CA ALA B 152 14.63 -9.31 -17.15
C ALA B 152 15.94 -8.51 -17.15
N THR B 153 16.60 -8.39 -15.97
CA THR B 153 17.85 -7.63 -15.84
C THR B 153 18.92 -8.28 -16.72
N LEU B 154 19.02 -9.60 -16.68
CA LEU B 154 20.02 -10.32 -17.50
C LEU B 154 19.74 -10.08 -18.99
N VAL B 155 18.49 -10.18 -19.40
CA VAL B 155 18.13 -9.94 -20.82
C VAL B 155 18.53 -8.52 -21.23
N ALA B 156 18.16 -7.52 -20.44
CA ALA B 156 18.42 -6.10 -20.76
C ALA B 156 19.95 -5.89 -20.80
N LEU B 157 20.68 -6.43 -19.82
CA LEU B 157 22.17 -6.26 -19.79
C LEU B 157 22.77 -6.89 -21.05
N ARG B 158 22.37 -8.10 -21.41
CA ARG B 158 22.92 -8.80 -22.59
C ARG B 158 22.67 -7.94 -23.83
N ASP B 159 21.46 -7.40 -23.98
CA ASP B 159 21.06 -6.61 -25.16
C ASP B 159 21.90 -5.33 -25.27
N ALA B 160 22.40 -4.84 -24.14
CA ALA B 160 23.29 -3.66 -24.06
C ALA B 160 24.77 -4.09 -24.23
N GLY B 161 25.07 -5.38 -24.39
CA GLY B 161 26.43 -5.92 -24.55
C GLY B 161 27.22 -5.95 -23.25
N VAL B 162 26.55 -5.78 -22.11
CA VAL B 162 27.20 -5.78 -20.77
C VAL B 162 27.50 -7.21 -20.36
N PRO B 163 28.72 -7.54 -19.89
CA PRO B 163 29.06 -8.90 -19.50
C PRO B 163 28.14 -9.38 -18.37
N LEU B 164 27.56 -10.55 -18.56
CA LEU B 164 26.63 -11.15 -17.58
C LEU B 164 27.43 -11.81 -16.47
N PRO B 165 26.82 -11.99 -15.28
CA PRO B 165 27.48 -12.64 -14.16
C PRO B 165 27.63 -14.15 -14.37
N ALA B 166 28.30 -14.80 -13.41
CA ALA B 166 28.64 -16.22 -13.43
C ALA B 166 27.38 -17.07 -13.36
N ALA B 167 26.35 -16.57 -12.68
CA ALA B 167 25.18 -17.40 -12.35
C ALA B 167 24.06 -16.47 -11.90
N ALA B 168 22.87 -17.01 -11.90
CA ALA B 168 21.69 -16.27 -11.38
C ALA B 168 20.81 -17.22 -10.63
N VAL B 169 20.02 -16.67 -9.72
CA VAL B 169 19.17 -17.47 -8.82
C VAL B 169 17.79 -16.84 -8.78
N CYS B 170 16.75 -17.67 -8.97
CA CYS B 170 15.33 -17.24 -8.92
C CYS B 170 14.62 -18.08 -7.88
N LEU B 171 14.04 -17.43 -6.86
CA LEU B 171 13.31 -18.13 -5.78
C LEU B 171 11.81 -17.89 -6.00
N SER B 172 11.05 -18.92 -6.39
CA SER B 172 9.60 -18.78 -6.66
C SER B 172 9.35 -17.62 -7.62
N PRO B 173 10.03 -17.54 -8.79
CA PRO B 173 9.91 -16.38 -9.65
C PRO B 173 8.49 -16.17 -10.19
N TRP B 174 8.14 -14.90 -10.34
CA TRP B 174 6.88 -14.47 -10.97
C TRP B 174 7.23 -13.92 -12.36
N VAL B 175 6.90 -14.67 -13.41
CA VAL B 175 7.27 -14.32 -14.80
C VAL B 175 6.06 -14.27 -15.74
N ASP B 176 4.87 -14.66 -15.28
CA ASP B 176 3.60 -14.68 -16.05
C ASP B 176 2.64 -13.70 -15.38
N LEU B 177 2.50 -12.49 -15.91
CA LEU B 177 1.72 -11.43 -15.23
C LEU B 177 0.22 -11.60 -15.53
N GLU B 178 -0.17 -12.63 -16.29
CA GLU B 178 -1.59 -12.94 -16.58
C GLU B 178 -2.11 -14.06 -15.67
N GLY B 179 -1.25 -14.80 -14.97
CA GLY B 179 -1.70 -15.87 -14.07
C GLY B 179 -2.43 -16.96 -14.82
N ILE B 180 -1.88 -17.47 -15.91
CA ILE B 180 -2.56 -18.49 -16.76
C ILE B 180 -1.88 -19.84 -16.65
N GLY B 181 -0.91 -20.01 -15.75
CA GLY B 181 -0.33 -21.34 -15.48
C GLY B 181 -1.37 -22.28 -14.91
N GLU B 182 -1.26 -23.58 -15.18
CA GLU B 182 -2.22 -24.59 -14.66
C GLU B 182 -2.24 -24.54 -13.13
N SER B 183 -1.08 -24.41 -12.46
CA SER B 183 -0.98 -24.42 -10.99
C SER B 183 -1.74 -23.24 -10.37
N MET B 184 -1.99 -22.16 -11.11
CA MET B 184 -2.73 -20.99 -10.57
C MET B 184 -4.15 -21.47 -10.21
N THR B 185 -4.63 -22.51 -10.89
CA THR B 185 -5.87 -23.27 -10.57
C THR B 185 -5.54 -24.50 -9.69
N THR B 186 -4.66 -25.41 -10.13
CA THR B 186 -4.53 -26.78 -9.54
C THR B 186 -3.78 -26.77 -8.21
N LYS B 187 -3.01 -25.72 -7.87
CA LYS B 187 -2.33 -25.62 -6.56
C LYS B 187 -2.99 -24.55 -5.69
N ALA B 188 -4.09 -23.97 -6.13
CA ALA B 188 -4.77 -22.87 -5.38
C ALA B 188 -5.18 -23.33 -3.98
N ALA B 189 -5.58 -24.60 -3.81
CA ALA B 189 -6.07 -25.12 -2.50
C ALA B 189 -4.90 -25.44 -1.56
N VAL B 190 -3.63 -25.36 -1.98
CA VAL B 190 -2.47 -25.62 -1.07
C VAL B 190 -1.57 -24.39 -0.93
N ASP B 191 -1.86 -23.27 -1.60
CA ASP B 191 -0.97 -22.05 -1.53
C ASP B 191 -1.55 -21.07 -0.52
N PRO B 192 -0.87 -20.80 0.62
CA PRO B 192 -1.41 -19.88 1.62
C PRO B 192 -1.18 -18.38 1.41
N MET B 193 -0.45 -17.99 0.36
N MET B 193 -0.43 -17.96 0.37
CA MET B 193 0.09 -16.61 0.20
CA MET B 193 0.01 -16.54 0.25
C MET B 193 -0.32 -16.00 -1.14
C MET B 193 -0.11 -15.95 -1.16
N VAL B 194 -0.17 -16.75 -2.23
CA VAL B 194 -0.29 -16.22 -3.61
C VAL B 194 -1.55 -16.81 -4.24
N GLN B 195 -2.42 -15.92 -4.73
CA GLN B 195 -3.59 -16.32 -5.54
C GLN B 195 -3.70 -15.34 -6.71
N ARG B 196 -4.51 -15.71 -7.69
CA ARG B 196 -4.56 -15.00 -8.97
C ARG B 196 -4.99 -13.54 -8.78
N GLU B 197 -6.02 -13.27 -7.97
CA GLU B 197 -6.61 -11.91 -7.95
C GLU B 197 -5.58 -10.89 -7.46
N PRO B 198 -4.87 -11.11 -6.33
CA PRO B 198 -3.85 -10.16 -5.92
C PRO B 198 -2.69 -10.04 -6.92
N LEU B 199 -2.28 -11.14 -7.54
CA LEU B 199 -1.24 -11.05 -8.62
C LEU B 199 -1.72 -10.13 -9.74
N LEU B 200 -2.95 -10.27 -10.19
CA LEU B 200 -3.45 -9.43 -11.31
C LEU B 200 -3.50 -7.96 -10.85
N ARG B 201 -3.87 -7.72 -9.60
N ARG B 201 -3.89 -7.69 -9.61
CA ARG B 201 -3.91 -6.36 -9.00
CA ARG B 201 -3.92 -6.31 -9.03
C ARG B 201 -2.52 -5.71 -9.06
C ARG B 201 -2.51 -5.71 -9.10
N MET B 202 -1.50 -6.46 -8.66
CA MET B 202 -0.11 -5.94 -8.65
C MET B 202 0.41 -5.80 -10.09
N ALA B 203 0.10 -6.76 -10.98
CA ALA B 203 0.49 -6.67 -12.40
C ALA B 203 -0.07 -5.38 -13.00
N SER B 204 -1.33 -5.07 -12.68
CA SER B 204 -2.00 -3.86 -13.24
C SER B 204 -1.24 -2.59 -12.82
N MET B 205 -0.80 -2.55 -11.56
CA MET B 205 -0.08 -1.38 -11.00
C MET B 205 1.29 -1.26 -11.67
N TYR B 206 1.98 -2.37 -11.87
CA TYR B 206 3.33 -2.39 -12.48
C TYR B 206 3.25 -2.03 -13.97
N LEU B 207 2.25 -2.55 -14.68
CA LEU B 207 2.14 -2.38 -16.14
C LEU B 207 1.59 -0.99 -16.50
N ALA B 208 0.69 -0.43 -15.70
CA ALA B 208 0.10 0.90 -15.99
C ALA B 208 -0.35 0.94 -17.46
N GLY B 209 -1.09 -0.08 -17.89
CA GLY B 209 -1.70 -0.16 -19.23
C GLY B 209 -0.83 -0.84 -20.26
N GLN B 210 0.43 -1.16 -19.95
CA GLN B 210 1.32 -1.85 -20.91
C GLN B 210 0.88 -3.30 -21.11
N ASP B 211 1.21 -3.87 -22.26
CA ASP B 211 0.89 -5.27 -22.64
C ASP B 211 1.40 -6.19 -21.52
N PRO B 212 0.58 -7.09 -20.95
CA PRO B 212 1.08 -7.98 -19.91
C PRO B 212 2.14 -8.98 -20.39
N ARG B 213 2.36 -9.10 -21.70
CA ARG B 213 3.46 -9.96 -22.23
C ARG B 213 4.68 -9.11 -22.65
N THR B 214 4.75 -7.84 -22.24
CA THR B 214 5.94 -6.97 -22.41
C THR B 214 7.15 -7.75 -21.90
N PRO B 215 8.15 -8.08 -22.73
CA PRO B 215 9.16 -9.07 -22.32
C PRO B 215 9.98 -8.71 -21.07
N LEU B 216 10.32 -7.44 -20.85
CA LEU B 216 11.12 -7.08 -19.66
C LEU B 216 10.22 -6.98 -18.42
N ALA B 217 8.89 -7.05 -18.55
CA ALA B 217 7.98 -7.13 -17.40
C ALA B 217 7.62 -8.60 -17.12
N ALA B 218 7.51 -9.39 -18.18
CA ALA B 218 7.06 -10.79 -18.15
C ALA B 218 8.03 -11.65 -18.93
N PRO B 219 9.18 -12.01 -18.32
CA PRO B 219 10.30 -12.54 -19.12
C PRO B 219 10.12 -13.98 -19.59
N LEU B 220 8.98 -14.61 -19.29
CA LEU B 220 8.55 -15.82 -20.02
C LEU B 220 8.54 -15.53 -21.53
N TYR B 221 8.35 -14.27 -21.92
CA TYR B 221 8.20 -13.87 -23.34
C TYR B 221 9.46 -13.18 -23.86
N ALA B 222 10.54 -13.17 -23.07
CA ALA B 222 11.80 -12.54 -23.47
C ALA B 222 12.68 -13.54 -24.23
N ASP B 223 13.67 -13.00 -24.92
CA ASP B 223 14.77 -13.77 -25.52
C ASP B 223 15.76 -14.15 -24.43
N LEU B 224 15.81 -15.42 -24.04
CA LEU B 224 16.66 -15.86 -22.91
C LEU B 224 18.00 -16.39 -23.38
N ARG B 225 18.27 -16.41 -24.68
CA ARG B 225 19.51 -17.00 -25.22
C ARG B 225 20.70 -16.26 -24.61
N GLY B 226 21.68 -17.02 -24.12
CA GLY B 226 22.96 -16.44 -23.68
C GLY B 226 23.00 -16.22 -22.18
N LEU B 227 21.90 -16.45 -21.49
CA LEU B 227 21.87 -16.22 -20.03
C LEU B 227 22.77 -17.23 -19.33
N PRO B 228 23.33 -16.83 -18.18
CA PRO B 228 24.23 -17.72 -17.43
C PRO B 228 23.43 -18.80 -16.71
N PRO B 229 24.13 -19.79 -16.10
CA PRO B 229 23.47 -20.84 -15.37
C PRO B 229 22.51 -20.31 -14.31
N LEU B 230 21.29 -20.85 -14.31
N LEU B 230 21.35 -20.93 -14.22
CA LEU B 230 20.18 -20.45 -13.44
CA LEU B 230 20.19 -20.42 -13.45
C LEU B 230 19.89 -21.57 -12.45
C LEU B 230 19.71 -21.50 -12.48
N LEU B 231 19.68 -21.18 -11.19
CA LEU B 231 19.05 -22.04 -10.17
C LEU B 231 17.66 -21.49 -9.98
N ILE B 232 16.64 -22.33 -10.16
CA ILE B 232 15.24 -21.97 -9.86
C ILE B 232 14.80 -22.88 -8.72
N GLN B 233 14.51 -22.28 -7.57
CA GLN B 233 13.94 -23.03 -6.43
C GLN B 233 12.49 -22.61 -6.32
N VAL B 234 11.60 -23.57 -6.19
CA VAL B 234 10.14 -23.30 -6.13
C VAL B 234 9.51 -24.38 -5.25
N GLY B 235 8.44 -24.02 -4.55
CA GLY B 235 7.72 -25.01 -3.75
C GLY B 235 6.64 -25.72 -4.55
N THR B 236 6.33 -26.98 -4.26
CA THR B 236 5.26 -27.68 -5.02
C THR B 236 3.88 -27.25 -4.53
N ALA B 237 3.79 -26.55 -3.40
CA ALA B 237 2.53 -25.99 -2.86
C ALA B 237 2.43 -24.52 -3.26
N GLU B 238 2.69 -24.23 -4.52
CA GLU B 238 2.68 -22.83 -5.05
C GLU B 238 1.80 -22.72 -6.27
N THR B 239 0.93 -21.72 -6.27
CA THR B 239 0.24 -21.31 -7.52
C THR B 239 1.28 -20.87 -8.55
N LEU B 240 2.43 -20.34 -8.12
CA LEU B 240 3.50 -19.95 -9.08
C LEU B 240 4.39 -21.13 -9.50
N LEU B 241 4.04 -22.38 -9.15
CA LEU B 241 4.86 -23.54 -9.57
C LEU B 241 5.04 -23.53 -11.09
N ASP B 242 3.98 -23.30 -11.86
CA ASP B 242 4.09 -23.37 -13.33
C ASP B 242 4.84 -22.16 -13.89
N ASP B 243 5.00 -21.07 -13.15
CA ASP B 243 5.91 -19.98 -13.59
C ASP B 243 7.33 -20.55 -13.67
N SER B 244 7.74 -21.31 -12.65
CA SER B 244 9.10 -21.92 -12.59
C SER B 244 9.22 -22.98 -13.68
N VAL B 245 8.20 -23.82 -13.84
CA VAL B 245 8.26 -24.93 -14.83
C VAL B 245 8.39 -24.30 -16.22
N ARG B 246 7.56 -23.30 -16.52
CA ARG B 246 7.60 -22.66 -17.85
C ARG B 246 8.90 -21.90 -18.03
N LEU B 247 9.41 -21.24 -16.99
CA LEU B 247 10.70 -20.53 -17.12
C LEU B 247 11.80 -21.55 -17.45
N ALA B 248 11.87 -22.67 -16.74
CA ALA B 248 12.90 -23.69 -16.97
C ALA B 248 12.78 -24.20 -18.41
N GLU B 249 11.55 -24.48 -18.88
N GLU B 249 11.55 -24.49 -18.85
CA GLU B 249 11.33 -24.97 -20.27
CA GLU B 249 11.22 -24.96 -20.23
C GLU B 249 11.86 -23.93 -21.25
C GLU B 249 11.79 -23.96 -21.25
N ARG B 250 11.47 -22.68 -21.09
CA ARG B 250 11.84 -21.62 -22.06
C ARG B 250 13.35 -21.38 -22.00
N ALA B 251 13.93 -21.34 -20.81
CA ALA B 251 15.37 -21.10 -20.66
C ALA B 251 16.15 -22.27 -21.27
N ARG B 252 15.76 -23.51 -20.99
CA ARG B 252 16.45 -24.67 -21.61
C ARG B 252 16.30 -24.63 -23.13
N ALA B 253 15.13 -24.21 -23.64
CA ALA B 253 14.91 -24.11 -25.10
C ALA B 253 15.80 -23.03 -25.72
N ALA B 254 16.25 -22.07 -24.92
CA ALA B 254 17.16 -20.98 -25.34
C ALA B 254 18.62 -21.34 -25.05
N GLY B 255 18.91 -22.55 -24.59
CA GLY B 255 20.29 -23.05 -24.37
C GLY B 255 20.88 -22.66 -23.02
N VAL B 256 20.06 -22.21 -22.10
CA VAL B 256 20.53 -21.85 -20.73
C VAL B 256 20.61 -23.12 -19.89
N GLN B 257 21.67 -23.25 -19.08
CA GLN B 257 21.86 -24.35 -18.11
C GLN B 257 20.97 -24.06 -16.91
N VAL B 258 19.92 -24.83 -16.71
CA VAL B 258 18.94 -24.59 -15.63
C VAL B 258 19.02 -25.72 -14.63
N THR B 259 19.03 -25.37 -13.36
CA THR B 259 18.80 -26.32 -12.26
C THR B 259 17.46 -25.98 -11.64
N LEU B 260 16.47 -26.82 -11.85
CA LEU B 260 15.08 -26.56 -11.38
C LEU B 260 14.85 -27.45 -10.19
N GLU B 261 14.63 -26.87 -9.02
CA GLU B 261 14.45 -27.61 -7.76
C GLU B 261 13.05 -27.36 -7.24
N PRO B 262 12.07 -28.25 -7.50
CA PRO B 262 10.76 -28.16 -6.87
C PRO B 262 10.80 -28.88 -5.52
N TRP B 263 10.78 -28.11 -4.45
CA TRP B 263 10.88 -28.63 -3.07
C TRP B 263 9.48 -29.05 -2.61
N GLU B 264 9.33 -30.35 -2.31
CA GLU B 264 8.02 -30.95 -2.01
C GLU B 264 7.40 -30.24 -0.80
N ASP B 265 6.17 -29.81 -0.97
CA ASP B 265 5.27 -29.24 0.06
C ASP B 265 5.67 -27.81 0.42
N MET B 266 6.75 -27.28 -0.15
CA MET B 266 7.19 -25.91 0.26
C MET B 266 6.27 -24.84 -0.35
N ILE B 267 6.24 -23.72 0.34
CA ILE B 267 5.35 -22.57 0.00
C ILE B 267 6.21 -21.43 -0.51
N HIS B 268 5.54 -20.39 -0.97
CA HIS B 268 6.14 -19.21 -1.63
C HIS B 268 7.27 -18.61 -0.81
N VAL B 269 8.47 -18.55 -1.39
CA VAL B 269 9.69 -17.97 -0.76
C VAL B 269 9.83 -18.52 0.65
N TRP B 270 9.71 -19.84 0.78
CA TRP B 270 9.87 -20.54 2.09
C TRP B 270 11.25 -20.25 2.68
N GLN B 271 12.24 -19.93 1.84
CA GLN B 271 13.61 -19.57 2.30
C GLN B 271 13.56 -18.40 3.29
N ALA B 272 12.62 -17.47 3.14
CA ALA B 272 12.50 -16.28 4.02
C ALA B 272 12.13 -16.71 5.44
N PHE B 273 11.65 -17.93 5.63
CA PHE B 273 11.24 -18.45 6.96
C PHE B 273 12.33 -19.33 7.58
N ALA B 274 13.56 -19.26 7.09
CA ALA B 274 14.67 -20.16 7.49
C ALA B 274 14.95 -20.08 9.00
N ALA B 275 14.66 -18.96 9.66
CA ALA B 275 14.86 -18.88 11.14
C ALA B 275 14.04 -19.96 11.84
N MET B 276 12.84 -20.28 11.35
N MET B 276 12.83 -20.25 11.33
CA MET B 276 11.87 -21.19 12.02
CA MET B 276 11.83 -21.15 11.97
C MET B 276 11.54 -22.41 11.16
C MET B 276 11.75 -22.48 11.21
N LEU B 277 11.97 -22.46 9.88
CA LEU B 277 11.63 -23.59 8.97
C LEU B 277 12.91 -24.28 8.51
N PRO B 278 13.19 -25.53 8.98
CA PRO B 278 14.41 -26.22 8.60
C PRO B 278 14.66 -26.29 7.07
N GLU B 279 13.60 -26.54 6.30
CA GLU B 279 13.69 -26.64 4.82
C GLU B 279 14.12 -25.28 4.23
N GLY B 280 13.79 -24.18 4.90
CA GLY B 280 14.23 -22.84 4.47
C GLY B 280 15.74 -22.75 4.53
N GLN B 281 16.32 -23.16 5.66
CA GLN B 281 17.80 -23.08 5.83
C GLN B 281 18.45 -24.09 4.87
N GLN B 282 17.88 -25.27 4.71
CA GLN B 282 18.43 -26.28 3.77
C GLN B 282 18.48 -25.71 2.34
N ALA B 283 17.42 -25.03 1.90
CA ALA B 283 17.37 -24.46 0.54
C ALA B 283 18.42 -23.34 0.40
N ILE B 284 18.61 -22.52 1.44
CA ILE B 284 19.63 -21.44 1.39
C ILE B 284 21.02 -22.07 1.31
N GLU B 285 21.27 -23.16 2.05
N GLU B 285 21.28 -23.15 2.04
CA GLU B 285 22.59 -23.85 1.94
CA GLU B 285 22.59 -23.84 1.94
C GLU B 285 22.80 -24.29 0.48
C GLU B 285 22.80 -24.30 0.49
N ARG B 286 21.75 -24.77 -0.18
CA ARG B 286 21.81 -25.18 -1.61
C ARG B 286 22.13 -23.97 -2.50
N ILE B 287 21.50 -22.82 -2.26
CA ILE B 287 21.81 -21.58 -3.01
C ILE B 287 23.31 -21.29 -2.88
N GLY B 288 23.86 -21.34 -1.66
CA GLY B 288 25.28 -21.04 -1.43
C GLY B 288 26.16 -22.03 -2.19
N GLU B 289 25.80 -23.29 -2.16
CA GLU B 289 26.56 -24.36 -2.86
C GLU B 289 26.57 -24.09 -4.36
N PHE B 290 25.41 -23.76 -4.92
CA PHE B 290 25.26 -23.45 -6.36
C PHE B 290 26.16 -22.27 -6.74
N LEU B 291 26.12 -21.19 -5.96
CA LEU B 291 26.92 -19.99 -6.30
C LEU B 291 28.41 -20.31 -6.18
N ARG B 292 28.81 -20.99 -5.11
CA ARG B 292 30.24 -21.31 -4.90
C ARG B 292 30.74 -22.20 -6.05
N GLN B 293 29.92 -23.16 -6.51
N GLN B 293 29.88 -23.12 -6.51
CA GLN B 293 30.28 -24.04 -7.66
CA GLN B 293 30.15 -24.08 -7.62
C GLN B 293 30.61 -23.17 -8.88
C GLN B 293 30.38 -23.35 -8.95
N HIS B 294 29.79 -22.16 -9.15
CA HIS B 294 29.90 -21.37 -10.40
C HIS B 294 30.95 -20.28 -10.28
N TRP B 295 31.41 -19.96 -9.06
CA TRP B 295 32.47 -18.96 -8.83
C TRP B 295 33.85 -19.62 -8.87
N GLN B 296 34.84 -18.85 -9.32
CA GLN B 296 36.24 -19.27 -9.54
C GLN B 296 37.02 -18.03 -9.97
C FMT C . 7.97 12.23 10.32
O1 FMT C . 7.20 13.06 10.77
O2 FMT C . 8.40 11.18 10.96
C FMT D . 8.99 13.83 -1.11
O1 FMT D . 8.34 13.95 -2.12
O2 FMT D . 8.81 14.51 -0.01
C FMT E . 8.53 10.49 -0.05
O1 FMT E . 7.90 10.92 -0.98
O2 FMT E . 8.08 9.69 0.87
C FMT F . -9.10 -6.76 11.67
O1 FMT F . -8.37 -5.81 11.90
O2 FMT F . -8.80 -7.77 10.89
C FMT G . -4.64 32.46 11.36
O1 FMT G . -4.57 31.74 12.33
O2 FMT G . -3.78 32.49 10.37
C FMT H . -19.47 -7.27 -2.40
O1 FMT H . -19.03 -7.10 -3.52
O2 FMT H . -20.58 -6.76 -1.98
C ACT I . -18.92 7.52 1.88
O ACT I . -20.07 7.00 2.10
OXT ACT I . -17.94 7.40 2.63
CH3 ACT I . -18.71 8.35 0.64
C FMT J . 6.69 16.97 5.73
O1 FMT J . 6.17 17.66 6.58
O2 FMT J . 7.33 15.86 5.94
C FMT K . -2.23 31.43 18.19
O1 FMT K . -1.91 31.57 17.04
O2 FMT K . -1.87 32.21 19.18
C FMT L . -18.25 32.66 10.29
O1 FMT L . -18.23 33.26 11.34
O2 FMT L . -17.91 33.16 9.14
C FMT M . -31.63 21.62 5.59
O1 FMT M . -30.54 21.83 6.08
O2 FMT M . -32.47 20.70 6.01
C FMT N . 0.60 6.79 -7.86
O1 FMT N . -0.34 7.32 -8.40
O2 FMT N . 0.98 6.99 -6.63
C FMT O . -17.93 20.93 27.34
O1 FMT O . -18.97 20.87 27.97
O2 FMT O . -16.72 21.09 27.81
C FMT P . -26.09 -13.02 15.83
O1 FMT P . -27.21 -13.04 16.32
O2 FMT P . -24.99 -12.99 16.51
OXT RXH Q . 4.90 -12.74 -0.65
O RXH Q . 5.82 -10.76 -0.89
C01 RXH Q . 3.67 -12.05 -0.66
C1 RXH Q . 9.72 -12.66 5.42
C2 RXH Q . 10.32 -11.65 4.73
O2 RXH Q . 10.11 -12.85 6.77
C3 RXH Q . 9.99 -11.40 3.41
C4 RXH Q . 9.08 -12.18 2.72
C5 RXH Q . 8.44 -13.22 3.44
C6 RXH Q . 8.77 -13.45 4.77
C7 RXH Q . 8.75 -11.93 1.40
C8 RXH Q . 7.80 -12.72 0.76
C10 RXH Q . 8.32 -11.67 -1.54
C11 RXH Q . 7.18 -13.75 1.46
C12 RXH Q . 9.55 -13.92 7.46
C13 RXH Q . 7.50 -14.02 2.78
C14 RXH Q . 7.38 -12.53 -0.71
C15 RXH Q . 6.00 -11.90 -0.74
C FMT R . 5.05 -15.19 9.35
O1 FMT R . 4.07 -15.90 9.34
O2 FMT R . 5.64 -14.73 10.41
C ACT S . 5.60 -11.67 -5.17
O ACT S . 4.50 -11.84 -5.81
OXT ACT S . 6.56 -10.97 -5.54
CH3 ACT S . 5.80 -12.42 -3.90
#